data_3IPL
#
_entry.id   3IPL
#
_cell.length_a   199.509
_cell.length_b   65.425
_cell.length_c   114.956
_cell.angle_alpha   90.00
_cell.angle_beta   100.05
_cell.angle_gamma   90.00
#
_symmetry.space_group_name_H-M   'C 1 2 1'
#
loop_
_entity.id
_entity.type
_entity.pdbx_description
1 polymer '2-succinylbenzoate--CoA ligase'
2 water water
#
_entity_poly.entity_id   1
_entity_poly.type   'polypeptide(L)'
_entity_poly.pdbx_seq_one_letter_code
;MSLDFWLYKQAQQNGHHIAITDGQESYTYQNLYCEASLLAKRLKAYQQSRVGLYIDNSIQSIILIHACWLANIEIAMINT
RLTPNEMTNQMRSIDVQLIFCTLPLELRGFQIVSLDDIEFAGRDITTNGLLDNTMGIQYDTSNETVVPKESPSNILNTSF
NLDDIASIMFTSGTTGPQKAVPQTFRNHYASAIGCKESLGFDRDTNWLSVLPIYHISGLSVLLRAVIEGFTVRIVDKFNA
EQILTMIKNERITHISLVPQTLNWLMQQGLHEPYNLQKILLGGAKLSATMIETALQYNLPIYNSFGMTETCSQFLTATPE
MLHARPDTVGMPSANVDVKIKNPNKEGHGELMIKGANVMNGYLYPTDLTGTFENGYFNTGDIAEIDHEGYVMIYDRRKDL
IISGGENIYPYQIETVAKQFPGISDAVCVGHPDDTWGQVPKLYFVSESDISKAQLIAYLSKHLAKYKVPKHFEKVDTLPY
TSTGKLQRNKLYREGHHHHHH
;
_entity_poly.pdbx_strand_id   A,B,C
#
# COMPACT_ATOMS: atom_id res chain seq x y z
N LEU A 3 27.79 -11.14 -8.63
CA LEU A 3 27.36 -9.79 -8.14
C LEU A 3 27.17 -9.80 -6.63
N ASP A 4 27.63 -8.73 -5.97
CA ASP A 4 27.55 -8.64 -4.52
C ASP A 4 26.28 -7.91 -4.06
N PHE A 5 25.77 -8.35 -2.91
CA PHE A 5 24.69 -7.67 -2.21
C PHE A 5 25.04 -6.22 -1.96
N TRP A 6 24.02 -5.36 -2.10
CA TRP A 6 24.16 -3.93 -1.92
C TRP A 6 24.61 -3.55 -0.52
N LEU A 7 24.10 -4.26 0.49
CA LEU A 7 24.47 -4.02 1.89
C LEU A 7 25.91 -4.46 2.18
N TYR A 8 26.28 -5.62 1.64
CA TYR A 8 27.66 -6.08 1.71
C TYR A 8 28.62 -5.08 1.07
N LYS A 9 28.24 -4.57 -0.10
CA LYS A 9 29.06 -3.60 -0.83
C LYS A 9 29.29 -2.35 -0.01
N GLN A 10 28.23 -1.86 0.66
CA GLN A 10 28.32 -0.66 1.50
C GLN A 10 29.18 -0.86 2.75
N ALA A 11 29.10 -2.05 3.34
CA ALA A 11 29.93 -2.40 4.50
C ALA A 11 31.42 -2.40 4.14
N GLN A 12 31.74 -2.91 2.95
CA GLN A 12 33.10 -2.87 2.40
C GLN A 12 33.54 -1.46 2.00
N GLN A 13 32.78 -0.84 1.09
CA GLN A 13 33.20 0.37 0.41
C GLN A 13 33.12 1.65 1.26
N ASN A 14 32.09 1.76 2.11
CA ASN A 14 32.01 2.85 3.13
C ASN A 14 31.27 2.46 4.41
N GLY A 15 31.91 1.59 5.18
CA GLY A 15 31.27 0.98 6.34
C GLY A 15 31.14 1.90 7.53
N HIS A 16 31.84 3.04 7.49
CA HIS A 16 31.76 4.01 8.58
C HIS A 16 30.76 5.13 8.30
N HIS A 17 30.08 5.06 7.16
CA HIS A 17 28.98 5.96 6.87
C HIS A 17 27.74 5.48 7.60
N ILE A 18 26.98 6.43 8.14
CA ILE A 18 25.75 6.12 8.88
C ILE A 18 24.63 5.69 7.92
N ALA A 19 24.03 4.54 8.23
CA ALA A 19 22.98 3.96 7.42
C ALA A 19 21.59 4.44 7.86
N ILE A 20 21.31 4.26 9.15
CA ILE A 20 20.00 4.55 9.74
C ILE A 20 20.12 5.23 11.12
N THR A 21 19.26 6.23 11.36
CA THR A 21 19.11 6.89 12.66
C THR A 21 17.63 6.98 13.04
N ASP A 22 17.32 6.72 14.31
CA ASP A 22 15.97 6.96 14.84
C ASP A 22 15.96 8.04 15.93
N GLY A 23 17.04 8.82 15.97
CA GLY A 23 17.22 9.84 17.01
C GLY A 23 18.10 9.35 18.16
N GLN A 24 17.74 8.20 18.73
CA GLN A 24 18.51 7.59 19.79
C GLN A 24 19.74 6.87 19.22
N GLU A 25 19.52 5.69 18.66
CA GLU A 25 20.61 4.90 18.09
C GLU A 25 20.95 5.36 16.69
N SER A 26 22.15 5.02 16.23
CA SER A 26 22.53 5.22 14.84
C SER A 26 23.47 4.09 14.40
N TYR A 27 23.16 3.45 13.27
CA TYR A 27 23.96 2.36 12.76
C TYR A 27 24.78 2.84 11.58
N THR A 28 26.03 2.39 11.50
CA THR A 28 26.82 2.56 10.30
C THR A 28 26.50 1.40 9.37
N TYR A 29 27.00 1.45 8.14
CA TYR A 29 26.77 0.36 7.19
C TYR A 29 27.45 -0.94 7.60
N GLN A 30 28.65 -0.82 8.18
CA GLN A 30 29.36 -1.95 8.78
C GLN A 30 28.53 -2.58 9.91
N ASN A 31 28.02 -1.76 10.83
CA ASN A 31 27.09 -2.23 11.89
C ASN A 31 25.87 -2.96 11.35
N LEU A 32 25.24 -2.33 10.35
CA LEU A 32 23.99 -2.82 9.77
C LEU A 32 24.23 -4.16 9.09
N TYR A 33 25.28 -4.22 8.27
CA TYR A 33 25.67 -5.48 7.62
C TYR A 33 25.89 -6.63 8.59
N CYS A 34 26.69 -6.38 9.65
CA CYS A 34 27.00 -7.38 10.67
C CYS A 34 25.76 -7.90 11.40
N GLU A 35 24.93 -6.99 11.88
CA GLU A 35 23.69 -7.35 12.58
C GLU A 35 22.67 -8.05 11.67
N ALA A 36 22.61 -7.65 10.40
CA ALA A 36 21.75 -8.28 9.40
C ALA A 36 22.21 -9.70 9.05
N SER A 37 23.51 -9.86 8.80
CA SER A 37 24.16 -11.16 8.55
C SER A 37 23.93 -12.19 9.65
N LEU A 38 24.13 -11.76 10.88
CA LEU A 38 23.87 -12.59 12.07
C LEU A 38 22.41 -13.04 12.14
N LEU A 39 21.47 -12.10 11.93
CA LEU A 39 20.05 -12.42 11.92
C LEU A 39 19.63 -13.32 10.76
N ALA A 40 20.27 -13.13 9.61
CA ALA A 40 19.96 -13.89 8.39
C ALA A 40 20.13 -15.41 8.55
N LYS A 41 21.16 -15.82 9.29
CA LYS A 41 21.41 -17.22 9.64
C LYS A 41 20.26 -17.78 10.46
N ARG A 42 19.74 -16.99 11.39
CA ARG A 42 18.56 -17.37 12.15
C ARG A 42 17.31 -17.49 11.27
N LEU A 43 17.21 -16.67 10.23
CA LEU A 43 16.04 -16.64 9.34
C LEU A 43 16.02 -17.80 8.35
N LYS A 44 17.21 -18.17 7.88
CA LYS A 44 17.40 -19.28 6.94
C LYS A 44 17.02 -20.62 7.56
N ALA A 45 17.20 -20.73 8.87
CA ALA A 45 16.92 -21.95 9.66
C ALA A 45 15.43 -22.34 9.74
N TYR A 46 14.57 -21.51 9.16
CA TYR A 46 13.15 -21.80 9.08
C TYR A 46 12.80 -22.41 7.72
N GLN A 47 13.73 -22.25 6.79
CA GLN A 47 13.67 -22.82 5.43
C GLN A 47 12.43 -22.42 4.65
N GLN A 48 12.03 -21.17 4.81
CA GLN A 48 10.99 -20.56 4.00
C GLN A 48 11.65 -19.57 3.06
N SER A 49 11.31 -19.64 1.78
CA SER A 49 11.87 -18.73 0.78
C SER A 49 11.00 -17.47 0.59
N ARG A 50 9.85 -17.46 1.27
CA ARG A 50 8.92 -16.35 1.21
C ARG A 50 8.21 -16.24 2.56
N VAL A 51 8.33 -15.07 3.20
CA VAL A 51 7.75 -14.85 4.53
C VAL A 51 6.97 -13.54 4.62
N GLY A 52 6.07 -13.47 5.59
CA GLY A 52 5.38 -12.24 5.93
C GLY A 52 6.20 -11.36 6.86
N LEU A 53 6.16 -10.05 6.62
CA LEU A 53 6.73 -9.08 7.55
C LEU A 53 5.64 -8.20 8.14
N TYR A 54 5.43 -8.33 9.44
CA TYR A 54 4.53 -7.45 10.20
C TYR A 54 5.37 -6.48 11.03
N ILE A 55 5.63 -5.30 10.43
CA ILE A 55 6.68 -4.40 10.92
C ILE A 55 6.25 -2.91 11.02
N ASP A 56 7.00 -2.15 11.82
CA ASP A 56 6.80 -0.71 12.00
C ASP A 56 7.98 0.09 11.44
N ASN A 57 7.92 1.42 11.47
CA ASN A 57 9.06 2.25 11.09
C ASN A 57 10.08 2.32 12.21
N SER A 58 11.01 1.36 12.26
CA SER A 58 11.95 1.26 13.37
C SER A 58 13.27 0.70 12.87
N ILE A 59 14.34 0.89 13.64
CA ILE A 59 15.65 0.35 13.31
C ILE A 59 15.59 -1.18 13.20
N GLN A 60 14.97 -1.84 14.18
CA GLN A 60 14.92 -3.30 14.22
C GLN A 60 14.21 -3.92 13.01
N SER A 61 13.20 -3.21 12.52
CA SER A 61 12.44 -3.61 11.35
CA SER A 61 12.44 -3.61 11.33
C SER A 61 13.28 -3.48 10.07
N ILE A 62 14.14 -2.48 10.02
CA ILE A 62 15.06 -2.29 8.90
C ILE A 62 16.16 -3.36 8.90
N ILE A 63 16.62 -3.77 10.09
CA ILE A 63 17.62 -4.85 10.23
C ILE A 63 17.01 -6.12 9.64
N LEU A 64 15.79 -6.43 10.08
CA LEU A 64 15.02 -7.60 9.62
C LEU A 64 14.80 -7.64 8.11
N ILE A 65 14.53 -6.48 7.52
CA ILE A 65 14.35 -6.34 6.07
C ILE A 65 15.64 -6.71 5.35
N HIS A 66 16.73 -6.13 5.81
CA HIS A 66 18.04 -6.31 5.21
C HIS A 66 18.57 -7.73 5.39
N ALA A 67 18.24 -8.34 6.53
CA ALA A 67 18.60 -9.71 6.86
C ALA A 67 17.89 -10.71 5.94
N CYS A 68 16.59 -10.48 5.69
CA CYS A 68 15.80 -11.31 4.77
C CYS A 68 16.38 -11.33 3.36
N TRP A 69 16.82 -10.18 2.87
CA TRP A 69 17.43 -10.09 1.53
C TRP A 69 18.79 -10.76 1.44
N LEU A 70 19.58 -10.70 2.51
CA LEU A 70 20.87 -11.40 2.56
C LEU A 70 20.64 -12.91 2.58
N ALA A 71 19.52 -13.33 3.15
CA ALA A 71 19.12 -14.74 3.28
C ALA A 71 18.46 -15.32 2.04
N ASN A 72 18.39 -14.55 0.95
CA ASN A 72 17.58 -14.90 -0.23
C ASN A 72 16.12 -15.31 0.09
N ILE A 73 15.48 -14.54 0.98
CA ILE A 73 14.05 -14.68 1.29
C ILE A 73 13.29 -13.54 0.62
N GLU A 74 12.15 -13.86 0.01
CA GLU A 74 11.24 -12.86 -0.54
C GLU A 74 10.34 -12.34 0.55
N ILE A 75 10.26 -11.01 0.69
CA ILE A 75 9.42 -10.43 1.74
C ILE A 75 8.03 -9.99 1.28
N ALA A 76 7.03 -10.48 1.99
CA ALA A 76 5.68 -10.00 1.79
C ALA A 76 5.35 -9.05 2.93
N MET A 77 5.13 -7.79 2.57
CA MET A 77 4.79 -6.71 3.51
C MET A 77 3.33 -6.78 3.92
N ILE A 78 3.06 -6.71 5.21
CA ILE A 78 1.68 -6.66 5.67
C ILE A 78 1.31 -5.23 6.07
N ASN A 79 0.30 -4.69 5.39
CA ASN A 79 -0.31 -3.43 5.78
C ASN A 79 -0.96 -3.62 7.15
N THR A 80 -0.38 -2.96 8.15
CA THR A 80 -0.78 -3.15 9.54
C THR A 80 -2.16 -2.56 9.86
N ARG A 81 -2.75 -1.86 8.89
CA ARG A 81 -4.09 -1.27 9.01
CA ARG A 81 -4.07 -1.29 9.05
C ARG A 81 -5.17 -2.22 8.53
N LEU A 82 -4.78 -3.39 8.04
CA LEU A 82 -5.76 -4.35 7.52
C LEU A 82 -6.49 -5.14 8.62
N THR A 83 -7.65 -5.66 8.25
CA THR A 83 -8.42 -6.56 9.11
C THR A 83 -7.73 -7.92 9.10
N PRO A 84 -7.82 -8.68 10.23
CA PRO A 84 -7.29 -10.04 10.32
C PRO A 84 -7.66 -10.96 9.15
N ASN A 85 -8.90 -10.86 8.67
CA ASN A 85 -9.35 -11.60 7.50
C ASN A 85 -8.62 -11.23 6.22
N GLU A 86 -8.36 -9.95 6.02
CA GLU A 86 -7.67 -9.48 4.80
C GLU A 86 -6.21 -9.91 4.75
N MET A 87 -5.52 -9.83 5.89
CA MET A 87 -4.16 -10.36 6.06
C MET A 87 -4.10 -11.85 5.72
N THR A 88 -4.95 -12.63 6.39
CA THR A 88 -5.08 -14.07 6.21
C THR A 88 -5.22 -14.40 4.72
N ASN A 89 -6.25 -13.82 4.10
CA ASN A 89 -6.48 -13.95 2.66
C ASN A 89 -5.30 -13.58 1.76
N GLN A 90 -4.64 -12.46 2.05
CA GLN A 90 -3.47 -12.01 1.28
C GLN A 90 -2.28 -12.96 1.44
N MET A 91 -2.00 -13.35 2.67
CA MET A 91 -0.86 -14.24 2.96
C MET A 91 -1.06 -15.66 2.41
N ARG A 92 -2.30 -16.16 2.45
CA ARG A 92 -2.65 -17.48 1.89
CA ARG A 92 -2.59 -17.49 1.90
C ARG A 92 -2.59 -17.49 0.37
N SER A 93 -2.90 -16.34 -0.23
CA SER A 93 -2.95 -16.21 -1.68
CA SER A 93 -2.94 -16.22 -1.68
C SER A 93 -1.58 -16.33 -2.34
N ILE A 94 -0.53 -15.91 -1.64
CA ILE A 94 0.84 -16.00 -2.17
C ILE A 94 1.64 -17.09 -1.49
N ASP A 95 0.93 -17.93 -0.73
CA ASP A 95 1.47 -19.14 -0.09
C ASP A 95 2.54 -18.89 0.99
N VAL A 96 2.30 -17.94 1.88
CA VAL A 96 3.18 -17.81 3.05
C VAL A 96 2.48 -18.36 4.26
N GLN A 97 3.26 -18.88 5.20
CA GLN A 97 2.73 -19.38 6.47
C GLN A 97 3.53 -18.85 7.64
N LEU A 98 4.75 -18.40 7.36
CA LEU A 98 5.62 -17.83 8.38
C LEU A 98 5.66 -16.30 8.30
N ILE A 99 5.42 -15.67 9.44
CA ILE A 99 5.39 -14.21 9.54
C ILE A 99 6.36 -13.77 10.64
N PHE A 100 7.28 -12.87 10.28
CA PHE A 100 8.21 -12.28 11.23
C PHE A 100 7.70 -10.93 11.73
N CYS A 101 7.81 -10.71 13.05
CA CYS A 101 7.25 -9.52 13.70
C CYS A 101 8.24 -8.61 14.41
N THR A 102 7.97 -7.31 14.36
CA THR A 102 8.61 -6.35 15.25
C THR A 102 7.55 -5.64 16.12
N LEU A 103 6.28 -5.85 15.77
CA LEU A 103 5.20 -5.50 16.68
C LEU A 103 4.28 -6.69 16.92
N PRO A 104 3.68 -6.79 18.14
CA PRO A 104 2.80 -7.91 18.50
C PRO A 104 1.70 -8.22 17.47
N LEU A 105 1.66 -9.48 17.06
CA LEU A 105 0.64 -9.99 16.16
C LEU A 105 0.10 -11.32 16.69
N GLU A 106 -1.22 -11.46 16.60
CA GLU A 106 -1.87 -12.73 16.83
C GLU A 106 -2.75 -13.01 15.60
N LEU A 107 -2.44 -14.08 14.88
CA LEU A 107 -3.20 -14.47 13.69
C LEU A 107 -3.22 -16.00 13.51
N ARG A 108 -4.41 -16.57 13.73
CA ARG A 108 -4.62 -18.02 13.71
C ARG A 108 -4.36 -18.62 12.34
N GLY A 109 -3.58 -19.69 12.31
CA GLY A 109 -3.26 -20.41 11.07
C GLY A 109 -1.93 -20.02 10.46
N PHE A 110 -1.14 -19.26 11.20
CA PHE A 110 0.20 -18.83 10.76
C PHE A 110 1.23 -19.03 11.85
N GLN A 111 2.44 -19.40 11.45
CA GLN A 111 3.55 -19.47 12.37
C GLN A 111 4.12 -18.06 12.51
N ILE A 112 3.98 -17.50 13.69
CA ILE A 112 4.35 -16.12 13.93
C ILE A 112 5.52 -16.06 14.89
N VAL A 113 6.62 -15.48 14.40
CA VAL A 113 7.85 -15.35 15.17
C VAL A 113 8.19 -13.87 15.35
N SER A 114 8.15 -13.39 16.60
CA SER A 114 8.60 -12.03 16.91
C SER A 114 10.11 -12.03 17.12
N LEU A 115 10.69 -10.85 17.25
CA LEU A 115 12.16 -10.73 17.28
C LEU A 115 12.86 -11.09 18.60
N ASP A 116 12.93 -12.40 18.83
CA ASP A 116 13.76 -13.02 19.89
C ASP A 116 14.93 -13.68 19.17
N ASP A 117 14.58 -14.59 18.26
CA ASP A 117 15.54 -15.21 17.34
C ASP A 117 15.12 -14.97 15.89
N GLU A 150 33.30 -10.49 6.76
CA GLU A 150 33.38 -10.69 5.31
C GLU A 150 32.06 -11.22 4.74
N SER A 151 32.11 -11.71 3.50
CA SER A 151 30.95 -12.01 2.62
C SER A 151 29.81 -12.89 3.17
N PRO A 152 28.57 -12.68 2.67
CA PRO A 152 27.48 -13.63 2.92
C PRO A 152 27.62 -14.90 2.04
N SER A 153 28.58 -14.89 1.12
CA SER A 153 29.04 -16.10 0.44
C SER A 153 29.71 -17.01 1.47
N ASN A 154 30.48 -16.40 2.36
CA ASN A 154 31.26 -17.13 3.35
C ASN A 154 30.52 -17.51 4.63
N ILE A 155 29.56 -16.70 5.07
CA ILE A 155 28.84 -16.98 6.32
C ILE A 155 27.35 -17.37 6.18
N LEU A 156 26.76 -17.09 5.02
CA LEU A 156 25.34 -17.41 4.79
C LEU A 156 25.08 -18.50 3.76
N ASN A 157 26.04 -18.69 2.85
CA ASN A 157 25.86 -19.50 1.61
C ASN A 157 24.68 -19.02 0.74
N THR A 158 24.67 -17.72 0.51
CA THR A 158 23.67 -17.05 -0.33
C THR A 158 24.36 -16.17 -1.38
N SER A 159 23.71 -16.06 -2.53
CA SER A 159 24.20 -15.25 -3.64
CA SER A 159 24.19 -15.26 -3.65
C SER A 159 23.18 -14.20 -4.04
N PHE A 160 23.66 -13.10 -4.60
CA PHE A 160 22.76 -12.03 -5.03
C PHE A 160 22.40 -12.16 -6.50
N ASN A 161 21.10 -12.07 -6.79
CA ASN A 161 20.62 -12.02 -8.16
C ASN A 161 19.57 -10.91 -8.30
N LEU A 162 19.82 -9.99 -9.24
CA LEU A 162 18.89 -8.89 -9.57
C LEU A 162 17.48 -9.32 -9.99
N ASP A 163 17.36 -10.55 -10.49
CA ASP A 163 16.09 -11.07 -11.00
C ASP A 163 15.29 -11.77 -9.93
N ASP A 164 15.85 -11.86 -8.73
CA ASP A 164 15.11 -12.41 -7.60
C ASP A 164 14.05 -11.41 -7.14
N ILE A 165 12.92 -11.92 -6.65
CA ILE A 165 11.89 -11.07 -6.09
C ILE A 165 12.33 -10.56 -4.70
N ALA A 166 12.48 -9.25 -4.60
CA ALA A 166 12.84 -8.60 -3.34
C ALA A 166 11.66 -8.57 -2.39
N SER A 167 10.57 -7.95 -2.83
CA SER A 167 9.41 -7.71 -2.00
C SER A 167 8.12 -7.97 -2.74
N ILE A 168 7.08 -8.34 -2.00
CA ILE A 168 5.76 -8.52 -2.56
C ILE A 168 4.82 -7.54 -1.84
N MET A 169 4.18 -6.67 -2.61
CA MET A 169 3.21 -5.76 -2.04
C MET A 169 1.82 -5.96 -2.60
N PHE A 170 0.80 -5.74 -1.77
CA PHE A 170 -0.59 -5.80 -2.24
C PHE A 170 -1.15 -4.42 -2.53
N THR A 171 -1.99 -4.31 -3.55
CA THR A 171 -2.65 -3.04 -3.82
C THR A 171 -3.86 -2.89 -2.90
N SER A 172 -4.47 -1.70 -2.92
CA SER A 172 -5.63 -1.42 -2.07
C SER A 172 -6.90 -2.14 -2.53
N GLY A 173 -7.68 -2.64 -1.58
CA GLY A 173 -8.95 -3.30 -1.88
C GLY A 173 -10.15 -2.37 -2.02
N THR A 174 -9.93 -1.07 -1.85
CA THR A 174 -11.01 -0.08 -1.91
C THR A 174 -11.26 0.37 -3.35
N THR A 175 -10.20 0.29 -4.15
CA THR A 175 -10.22 0.71 -5.56
C THR A 175 -10.60 -0.44 -6.51
N GLY A 176 -10.23 -1.66 -6.14
CA GLY A 176 -10.49 -2.86 -6.92
C GLY A 176 -10.12 -4.13 -6.17
N PRO A 177 -9.56 -5.11 -6.88
CA PRO A 177 -9.08 -6.33 -6.23
C PRO A 177 -7.70 -6.16 -5.56
N GLN A 178 -7.45 -6.93 -4.51
CA GLN A 178 -6.13 -6.91 -3.84
C GLN A 178 -5.09 -7.67 -4.65
N LYS A 179 -4.27 -6.95 -5.38
CA LYS A 179 -3.32 -7.57 -6.29
C LYS A 179 -1.91 -7.69 -5.72
N ALA A 180 -1.39 -8.92 -5.67
CA ALA A 180 0.00 -9.19 -5.24
C ALA A 180 1.01 -8.75 -6.29
N VAL A 181 1.80 -7.72 -5.97
CA VAL A 181 2.77 -7.15 -6.90
C VAL A 181 4.19 -7.55 -6.49
N PRO A 182 4.81 -8.43 -7.29
CA PRO A 182 6.16 -8.85 -7.02
C PRO A 182 7.14 -7.80 -7.54
N GLN A 183 8.08 -7.40 -6.69
CA GLN A 183 9.05 -6.41 -7.08
C GLN A 183 10.42 -7.07 -7.01
N THR A 184 11.16 -7.04 -8.10
CA THR A 184 12.51 -7.60 -8.14
C THR A 184 13.57 -6.55 -7.79
N PHE A 185 14.74 -7.02 -7.38
CA PHE A 185 15.88 -6.14 -7.13
C PHE A 185 16.23 -5.29 -8.35
N ARG A 186 15.91 -5.79 -9.54
CA ARG A 186 16.13 -5.06 -10.78
C ARG A 186 15.10 -3.93 -10.94
N ASN A 187 13.85 -4.22 -10.56
CA ASN A 187 12.78 -3.21 -10.56
C ASN A 187 13.10 -2.06 -9.60
N HIS A 188 13.54 -2.42 -8.40
CA HIS A 188 13.90 -1.48 -7.34
C HIS A 188 15.14 -0.66 -7.71
N TYR A 189 16.07 -1.29 -8.42
CA TYR A 189 17.32 -0.62 -8.81
C TYR A 189 17.04 0.38 -9.93
N ALA A 190 16.19 0.00 -10.87
CA ALA A 190 15.83 0.88 -11.99
C ALA A 190 15.02 2.09 -11.54
N SER A 191 14.19 1.86 -10.53
CA SER A 191 13.44 2.93 -9.87
C SER A 191 14.37 3.93 -9.16
N ALA A 192 15.43 3.43 -8.54
CA ALA A 192 16.41 4.26 -7.85
C ALA A 192 17.20 5.19 -8.77
N ILE A 193 17.70 4.67 -9.89
CA ILE A 193 18.57 5.47 -10.75
C ILE A 193 17.80 6.47 -11.60
N GLY A 194 16.53 6.16 -11.87
CA GLY A 194 15.60 7.11 -12.48
C GLY A 194 15.23 8.23 -11.51
N CYS A 195 15.17 7.89 -10.23
CA CYS A 195 14.91 8.88 -9.18
C CYS A 195 16.12 9.77 -8.96
N LYS A 196 17.31 9.16 -8.93
CA LYS A 196 18.59 9.87 -8.91
C LYS A 196 18.71 10.92 -10.01
N GLU A 197 18.10 10.65 -11.15
CA GLU A 197 18.08 11.61 -12.24
C GLU A 197 16.96 12.65 -12.07
N SER A 198 15.73 12.19 -11.84
CA SER A 198 14.54 13.05 -11.75
C SER A 198 14.48 13.89 -10.47
N LEU A 199 14.69 13.26 -9.33
CA LEU A 199 14.67 14.00 -8.08
C LEU A 199 16.06 14.44 -7.68
N GLY A 200 16.99 13.49 -7.56
CA GLY A 200 18.37 13.81 -7.22
C GLY A 200 18.70 13.54 -5.77
N PHE A 201 19.67 12.65 -5.55
CA PHE A 201 20.25 12.39 -4.22
C PHE A 201 21.71 11.94 -4.36
N ASP A 202 22.48 12.02 -3.27
CA ASP A 202 23.85 11.54 -3.29
C ASP A 202 24.27 10.89 -1.97
N ARG A 203 25.58 10.77 -1.72
CA ARG A 203 26.06 10.12 -0.51
C ARG A 203 25.83 10.95 0.75
N ASP A 204 25.71 12.25 0.56
CA ASP A 204 25.51 13.20 1.65
C ASP A 204 24.04 13.43 1.97
N THR A 205 23.17 12.59 1.42
CA THR A 205 21.72 12.70 1.61
C THR A 205 21.32 12.18 2.97
N ASN A 206 20.56 12.99 3.69
CA ASN A 206 19.90 12.54 4.90
C ASN A 206 18.40 12.61 4.61
N TRP A 207 17.83 11.44 4.31
CA TRP A 207 16.42 11.29 3.95
C TRP A 207 15.59 10.96 5.20
N LEU A 208 14.62 11.81 5.53
CA LEU A 208 13.66 11.54 6.59
C LEU A 208 12.52 10.72 6.02
N SER A 209 12.31 9.54 6.59
CA SER A 209 11.30 8.61 6.12
C SER A 209 10.24 8.39 7.21
N VAL A 210 9.04 8.97 7.04
CA VAL A 210 7.95 8.76 7.99
C VAL A 210 6.87 7.87 7.38
N LEU A 211 6.77 7.89 6.05
CA LEU A 211 5.77 7.10 5.32
C LEU A 211 5.94 5.61 5.65
N PRO A 212 4.82 4.85 5.69
CA PRO A 212 4.85 3.44 6.14
C PRO A 212 5.86 2.61 5.37
N ILE A 213 6.62 1.83 6.12
CA ILE A 213 7.71 1.01 5.60
C ILE A 213 7.18 -0.17 4.76
N TYR A 214 5.93 -0.56 5.01
CA TYR A 214 5.28 -1.60 4.22
C TYR A 214 4.77 -1.15 2.85
N HIS A 215 4.74 0.16 2.62
CA HIS A 215 4.34 0.70 1.32
C HIS A 215 5.56 1.16 0.50
N ILE A 216 5.37 1.38 -0.79
CA ILE A 216 6.52 1.59 -1.68
C ILE A 216 7.25 2.92 -1.43
N SER A 217 6.51 3.99 -1.17
CA SER A 217 7.07 5.27 -0.72
C SER A 217 7.96 5.17 0.52
N GLY A 218 7.62 4.28 1.45
CA GLY A 218 8.47 3.96 2.60
C GLY A 218 9.69 3.14 2.24
N LEU A 219 9.47 1.92 1.73
CA LEU A 219 10.55 0.97 1.42
C LEU A 219 11.55 1.43 0.33
N SER A 220 11.08 2.18 -0.67
CA SER A 220 11.96 2.70 -1.74
C SER A 220 13.07 3.64 -1.25
N VAL A 221 12.84 4.31 -0.13
CA VAL A 221 13.83 5.16 0.52
C VAL A 221 15.01 4.34 1.03
N LEU A 222 14.72 3.21 1.69
CA LEU A 222 15.72 2.24 2.15
C LEU A 222 16.56 1.66 1.02
N LEU A 223 15.93 1.49 -0.14
CA LEU A 223 16.57 0.92 -1.29
C LEU A 223 17.50 1.92 -1.94
N ARG A 224 17.01 3.14 -2.12
CA ARG A 224 17.82 4.23 -2.64
C ARG A 224 19.05 4.42 -1.76
N ALA A 225 18.86 4.26 -0.45
CA ALA A 225 19.91 4.45 0.53
C ALA A 225 21.01 3.43 0.42
N VAL A 226 20.63 2.15 0.39
CA VAL A 226 21.59 1.05 0.33
C VAL A 226 22.26 0.92 -1.05
N ILE A 227 21.61 1.49 -2.08
CA ILE A 227 22.22 1.54 -3.42
C ILE A 227 23.22 2.69 -3.52
N GLU A 228 22.79 3.88 -3.07
CA GLU A 228 23.63 5.07 -3.10
C GLU A 228 24.62 5.14 -1.94
N GLY A 229 24.22 4.66 -0.76
CA GLY A 229 25.08 4.71 0.42
C GLY A 229 24.87 5.93 1.29
N PHE A 230 23.63 6.43 1.33
CA PHE A 230 23.28 7.56 2.18
C PHE A 230 22.57 7.18 3.48
N THR A 231 22.20 8.18 4.27
CA THR A 231 21.60 8.00 5.59
C THR A 231 20.08 8.12 5.53
N VAL A 232 19.41 7.23 6.25
CA VAL A 232 17.97 7.28 6.45
C VAL A 232 17.71 7.75 7.88
N ARG A 233 16.88 8.79 8.04
CA ARG A 233 16.34 9.15 9.34
C ARG A 233 14.94 8.55 9.46
N ILE A 234 14.86 7.40 10.14
CA ILE A 234 13.59 6.70 10.30
C ILE A 234 12.78 7.34 11.42
N VAL A 235 11.50 7.58 11.19
CA VAL A 235 10.61 8.10 12.24
C VAL A 235 9.31 7.28 12.31
N ASP A 236 8.95 6.89 13.53
CA ASP A 236 7.82 5.96 13.79
C ASP A 236 6.45 6.42 13.28
N LYS A 237 6.05 7.63 13.63
CA LYS A 237 4.79 8.17 13.13
C LYS A 237 4.87 9.67 12.90
N PHE A 238 3.96 10.16 12.05
CA PHE A 238 3.91 11.59 11.78
C PHE A 238 3.53 12.39 13.02
N ASN A 239 4.47 13.25 13.44
CA ASN A 239 4.22 14.32 14.37
C ASN A 239 4.87 15.56 13.77
N ALA A 240 4.04 16.53 13.38
CA ALA A 240 4.50 17.71 12.65
C ALA A 240 5.51 18.54 13.44
N GLU A 241 5.25 18.71 14.73
CA GLU A 241 6.16 19.41 15.63
C GLU A 241 7.54 18.75 15.79
N GLN A 242 7.55 17.44 15.99
CA GLN A 242 8.78 16.67 16.17
C GLN A 242 9.61 16.61 14.90
N ILE A 243 8.92 16.50 13.76
CA ILE A 243 9.56 16.44 12.45
C ILE A 243 10.18 17.78 12.07
N LEU A 244 9.50 18.88 12.40
CA LEU A 244 10.08 20.21 12.20
C LEU A 244 11.34 20.41 13.05
N THR A 245 11.32 19.93 14.28
CA THR A 245 12.50 19.95 15.15
C THR A 245 13.66 19.19 14.51
N MET A 246 13.37 18.02 13.94
CA MET A 246 14.35 17.24 13.18
C MET A 246 14.89 18.01 11.98
N ILE A 247 14.00 18.62 11.20
CA ILE A 247 14.39 19.39 10.00
C ILE A 247 15.30 20.57 10.36
N LYS A 248 14.98 21.27 11.44
CA LYS A 248 15.81 22.37 11.92
C LYS A 248 17.18 21.88 12.40
N ASN A 249 17.18 20.81 13.19
CA ASN A 249 18.32 20.46 14.04
C ASN A 249 19.17 19.23 13.63
N GLU A 250 18.74 18.47 12.63
CA GLU A 250 19.42 17.21 12.28
C GLU A 250 20.01 17.15 10.87
N ARG A 251 20.08 18.29 10.18
CA ARG A 251 20.57 18.36 8.79
C ARG A 251 19.87 17.40 7.81
N ILE A 252 18.54 17.38 7.91
CA ILE A 252 17.70 16.64 6.98
C ILE A 252 17.74 17.31 5.60
N THR A 253 18.07 16.55 4.57
CA THR A 253 18.17 17.08 3.20
C THR A 253 16.98 16.66 2.32
N HIS A 254 16.49 15.45 2.55
CA HIS A 254 15.41 14.88 1.75
C HIS A 254 14.25 14.43 2.66
N ILE A 255 13.01 14.58 2.19
CA ILE A 255 11.84 14.11 2.93
C ILE A 255 10.74 13.72 1.95
N SER A 256 10.05 12.61 2.23
CA SER A 256 8.92 12.16 1.44
C SER A 256 7.58 12.41 2.19
N LEU A 257 6.65 13.09 1.52
CA LEU A 257 5.41 13.53 2.14
C LEU A 257 4.22 13.42 1.21
N VAL A 258 3.03 13.55 1.76
CA VAL A 258 1.82 13.85 0.99
C VAL A 258 1.54 15.35 1.19
N PRO A 259 0.79 15.99 0.27
CA PRO A 259 0.47 17.41 0.41
C PRO A 259 -0.11 17.83 1.77
N GLN A 260 -1.10 17.09 2.25
CA GLN A 260 -1.71 17.35 3.57
C GLN A 260 -0.70 17.42 4.73
N THR A 261 0.29 16.52 4.74
CA THR A 261 1.35 16.59 5.75
C THR A 261 2.38 17.70 5.52
N LEU A 262 2.66 18.04 4.27
CA LEU A 262 3.49 19.20 3.96
C LEU A 262 2.90 20.48 4.56
N ASN A 263 1.61 20.67 4.30
CA ASN A 263 0.79 21.74 4.88
C ASN A 263 0.84 21.81 6.40
N TRP A 264 0.65 20.66 7.06
CA TRP A 264 0.76 20.58 8.51
C TRP A 264 2.15 21.00 9.02
N LEU A 265 3.21 20.60 8.30
CA LEU A 265 4.56 21.05 8.62
C LEU A 265 4.78 22.55 8.42
N MET A 266 4.27 23.08 7.32
CA MET A 266 4.32 24.53 7.05
C MET A 266 3.66 25.34 8.18
N GLN A 267 2.54 24.82 8.68
CA GLN A 267 1.81 25.46 9.76
C GLN A 267 2.48 25.39 11.13
N GLN A 268 3.38 24.43 11.34
CA GLN A 268 4.17 24.40 12.58
C GLN A 268 5.33 25.38 12.54
N GLY A 269 5.71 25.79 11.33
CA GLY A 269 6.78 26.78 11.15
C GLY A 269 7.78 26.49 10.05
N LEU A 270 7.45 25.58 9.12
CA LEU A 270 8.31 25.31 7.97
C LEU A 270 8.13 26.40 6.91
N HIS A 271 8.80 27.52 7.11
CA HIS A 271 8.64 28.68 6.24
C HIS A 271 9.96 29.02 5.54
N GLU A 272 10.90 28.08 5.59
CA GLU A 272 12.16 28.14 4.86
C GLU A 272 12.67 26.72 4.77
N PRO A 273 13.52 26.42 3.77
CA PRO A 273 13.97 25.03 3.63
C PRO A 273 14.95 24.51 4.69
N TYR A 274 15.63 25.40 5.42
CA TYR A 274 16.74 25.00 6.30
C TYR A 274 17.79 24.23 5.49
N ASN A 275 17.98 22.94 5.78
CA ASN A 275 18.89 22.09 5.03
C ASN A 275 18.22 21.23 3.96
N LEU A 276 16.90 21.35 3.82
CA LEU A 276 16.18 20.58 2.81
C LEU A 276 16.68 20.91 1.40
N GLN A 277 16.96 19.85 0.66
CA GLN A 277 17.31 19.93 -0.75
C GLN A 277 16.12 19.49 -1.58
N LYS A 278 15.43 18.44 -1.12
CA LYS A 278 14.34 17.83 -1.89
C LYS A 278 13.15 17.45 -1.02
N ILE A 279 11.96 17.91 -1.40
CA ILE A 279 10.70 17.45 -0.81
C ILE A 279 9.94 16.68 -1.88
N LEU A 280 9.80 15.37 -1.66
CA LEU A 280 9.12 14.49 -2.59
C LEU A 280 7.67 14.29 -2.17
N LEU A 281 6.77 14.82 -3.00
CA LEU A 281 5.33 14.70 -2.75
C LEU A 281 4.74 13.65 -3.70
N GLY A 282 3.64 13.03 -3.28
CA GLY A 282 3.00 11.99 -4.09
C GLY A 282 1.76 11.48 -3.38
N GLY A 283 0.83 10.94 -4.17
CA GLY A 283 -0.29 10.18 -3.62
C GLY A 283 -1.64 10.87 -3.56
N ALA A 284 -1.64 12.19 -3.50
CA ALA A 284 -2.88 12.94 -3.37
C ALA A 284 -2.84 14.19 -4.22
N LYS A 285 -3.98 14.88 -4.31
CA LYS A 285 -4.09 16.12 -5.06
C LYS A 285 -3.25 17.24 -4.45
N LEU A 286 -2.55 17.97 -5.32
CA LEU A 286 -1.77 19.12 -4.92
C LEU A 286 -2.45 20.33 -5.54
N SER A 287 -2.85 21.30 -4.71
CA SER A 287 -3.48 22.50 -5.25
C SER A 287 -2.45 23.52 -5.71
N ALA A 288 -2.90 24.45 -6.55
CA ALA A 288 -2.04 25.51 -7.07
C ALA A 288 -1.69 26.46 -5.95
N THR A 289 -2.65 26.65 -5.05
CA THR A 289 -2.51 27.48 -3.85
C THR A 289 -1.39 26.96 -2.95
N MET A 290 -1.34 25.65 -2.70
CA MET A 290 -0.29 25.07 -1.88
C MET A 290 1.06 25.17 -2.56
N ILE A 291 1.09 24.99 -3.88
CA ILE A 291 2.30 25.11 -4.68
C ILE A 291 2.87 26.51 -4.50
N GLU A 292 2.03 27.53 -4.67
CA GLU A 292 2.44 28.90 -4.58
C GLU A 292 2.93 29.29 -3.19
N THR A 293 2.23 28.82 -2.16
CA THR A 293 2.64 28.99 -0.75
C THR A 293 4.01 28.36 -0.46
N ALA A 294 4.22 27.12 -0.91
CA ALA A 294 5.49 26.42 -0.68
C ALA A 294 6.66 27.10 -1.42
N LEU A 295 6.42 27.54 -2.66
CA LEU A 295 7.44 28.25 -3.45
C LEU A 295 7.82 29.60 -2.85
N GLN A 296 6.82 30.29 -2.27
CA GLN A 296 7.02 31.54 -1.55
CA GLN A 296 7.06 31.55 -1.59
C GLN A 296 7.94 31.35 -0.34
N TYR A 297 7.74 30.24 0.37
CA TYR A 297 8.61 29.89 1.51
C TYR A 297 9.97 29.28 1.10
N ASN A 298 10.27 29.29 -0.20
CA ASN A 298 11.49 28.72 -0.82
C ASN A 298 11.67 27.22 -0.63
N LEU A 299 10.54 26.50 -0.65
CA LEU A 299 10.57 25.08 -0.42
C LEU A 299 10.75 24.35 -1.75
N PRO A 300 11.72 23.42 -1.80
CA PRO A 300 11.99 22.66 -3.01
C PRO A 300 11.04 21.47 -3.16
N ILE A 301 9.79 21.78 -3.51
CA ILE A 301 8.75 20.77 -3.63
C ILE A 301 8.70 20.13 -5.01
N TYR A 302 8.61 18.80 -5.01
CA TYR A 302 8.53 18.01 -6.20
C TYR A 302 7.27 17.19 -6.09
N ASN A 303 6.42 17.22 -7.13
CA ASN A 303 5.31 16.30 -7.18
C ASN A 303 5.72 15.08 -7.98
N SER A 304 5.00 14.00 -7.78
CA SER A 304 5.31 12.76 -8.44
C SER A 304 4.08 11.91 -8.63
N PHE A 305 4.15 11.03 -9.63
CA PHE A 305 3.14 10.00 -9.78
C PHE A 305 3.80 8.63 -9.88
N GLY A 306 3.23 7.68 -9.17
CA GLY A 306 3.77 6.34 -9.14
C GLY A 306 2.78 5.38 -8.55
N MET A 307 3.12 4.10 -8.64
CA MET A 307 2.30 3.05 -8.10
C MET A 307 3.20 1.89 -7.70
N THR A 308 2.65 1.02 -6.89
CA THR A 308 3.27 -0.23 -6.42
C THR A 308 3.89 -1.03 -7.55
N GLU A 309 3.17 -1.09 -8.69
CA GLU A 309 3.54 -1.81 -9.90
C GLU A 309 4.75 -1.23 -10.63
N THR A 310 5.15 -0.01 -10.27
CA THR A 310 6.29 0.63 -10.90
C THR A 310 7.38 0.88 -9.88
N CYS A 311 7.21 0.29 -8.68
CA CYS A 311 8.15 0.38 -7.56
C CYS A 311 8.46 1.79 -7.07
N SER A 312 7.43 2.65 -7.10
CA SER A 312 7.46 4.08 -6.72
C SER A 312 7.25 4.97 -7.94
N GLN A 313 7.71 6.21 -7.89
CA GLN A 313 7.38 7.19 -8.93
CA GLN A 313 7.40 7.19 -8.92
C GLN A 313 8.01 6.91 -10.29
N PHE A 314 7.24 7.19 -11.35
CA PHE A 314 7.76 7.16 -12.71
C PHE A 314 7.53 8.48 -13.42
N LEU A 315 6.75 9.37 -12.80
CA LEU A 315 6.62 10.75 -13.25
C LEU A 315 7.05 11.70 -12.14
N THR A 316 7.86 12.71 -12.48
CA THR A 316 8.33 13.69 -11.49
C THR A 316 8.26 15.10 -12.04
N ALA A 317 7.71 16.02 -11.23
CA ALA A 317 7.60 17.43 -11.53
C ALA A 317 8.45 18.29 -10.59
N THR A 318 9.35 19.08 -11.18
CA THR A 318 10.22 20.00 -10.43
C THR A 318 9.44 21.22 -9.92
N PRO A 319 10.01 21.96 -8.93
CA PRO A 319 9.44 23.25 -8.49
C PRO A 319 9.04 24.21 -9.63
N GLU A 320 9.84 24.24 -10.70
CA GLU A 320 9.62 25.12 -11.84
CA GLU A 320 9.56 25.15 -11.80
C GLU A 320 8.49 24.61 -12.73
N MET A 321 8.43 23.28 -12.89
CA MET A 321 7.36 22.62 -13.65
C MET A 321 6.02 22.87 -12.96
N LEU A 322 6.03 22.77 -11.63
CA LEU A 322 4.84 22.98 -10.81
C LEU A 322 4.35 24.42 -10.81
N HIS A 323 5.27 25.39 -10.89
CA HIS A 323 4.85 26.79 -11.07
C HIS A 323 4.13 27.02 -12.40
N ALA A 324 4.66 26.42 -13.48
CA ALA A 324 4.09 26.54 -14.82
C ALA A 324 2.77 25.76 -15.00
N ARG A 325 2.79 24.46 -14.71
CA ARG A 325 1.58 23.64 -14.76
CA ARG A 325 1.59 23.62 -14.77
C ARG A 325 1.26 23.06 -13.38
N PRO A 326 0.42 23.78 -12.61
CA PRO A 326 0.03 23.35 -11.25
C PRO A 326 -0.62 21.97 -11.17
N ASP A 327 -1.20 21.50 -12.27
CA ASP A 327 -1.91 20.23 -12.31
C ASP A 327 -1.05 19.05 -12.79
N THR A 328 0.17 19.32 -13.24
CA THR A 328 1.04 18.25 -13.77
C THR A 328 1.65 17.35 -12.69
N VAL A 329 1.87 16.09 -13.04
CA VAL A 329 2.66 15.20 -12.19
C VAL A 329 4.05 15.01 -12.80
N GLY A 330 4.24 15.57 -14.00
CA GLY A 330 5.57 15.81 -14.55
C GLY A 330 6.00 15.05 -15.79
N MET A 331 7.33 14.91 -15.91
CA MET A 331 8.00 14.21 -17.02
C MET A 331 8.47 12.83 -16.52
N PRO A 332 8.60 11.84 -17.43
CA PRO A 332 9.24 10.60 -16.95
C PRO A 332 10.77 10.66 -17.03
N SER A 333 11.43 9.60 -16.54
CA SER A 333 12.90 9.53 -16.54
C SER A 333 13.46 8.81 -17.77
N ALA A 334 14.76 8.97 -18.00
CA ALA A 334 15.43 8.67 -19.29
C ALA A 334 15.01 7.42 -20.04
N ASN A 335 14.92 6.29 -19.34
CA ASN A 335 14.60 5.04 -20.03
C ASN A 335 13.24 4.43 -19.72
N VAL A 336 12.35 5.26 -19.18
CA VAL A 336 10.95 4.89 -18.97
C VAL A 336 10.14 5.49 -20.11
N ASP A 337 9.24 4.69 -20.67
CA ASP A 337 8.49 5.06 -21.85
C ASP A 337 7.00 5.12 -21.55
N VAL A 338 6.42 6.30 -21.77
CA VAL A 338 5.03 6.57 -21.39
C VAL A 338 4.22 7.03 -22.60
N LYS A 339 3.07 6.40 -22.84
CA LYS A 339 2.19 6.80 -23.95
C LYS A 339 0.71 6.69 -23.56
N ILE A 340 -0.14 7.33 -24.37
CA ILE A 340 -1.58 7.30 -24.18
C ILE A 340 -2.24 6.38 -25.23
N LYS A 341 -3.11 5.48 -24.77
CA LYS A 341 -3.77 4.54 -25.66
C LYS A 341 -5.15 5.05 -26.00
N ASN A 342 -5.45 5.10 -27.30
CA ASN A 342 -6.70 5.68 -27.86
C ASN A 342 -7.13 7.01 -27.24
N PRO A 343 -6.40 8.10 -27.55
CA PRO A 343 -6.76 9.41 -27.02
C PRO A 343 -8.07 10.00 -27.58
N ASN A 344 -8.60 11.01 -26.89
CA ASN A 344 -9.66 11.87 -27.42
C ASN A 344 -9.11 12.84 -28.47
N LYS A 345 -9.92 13.83 -28.85
CA LYS A 345 -9.38 15.00 -29.54
C LYS A 345 -8.82 16.00 -28.52
N GLU A 346 -9.27 15.86 -27.27
CA GLU A 346 -8.66 16.50 -26.11
C GLU A 346 -7.32 15.84 -25.76
N GLY A 347 -7.17 14.57 -26.14
CA GLY A 347 -5.93 13.82 -25.93
C GLY A 347 -5.94 12.95 -24.69
N HIS A 348 -7.11 12.76 -24.09
CA HIS A 348 -7.26 11.94 -22.89
C HIS A 348 -7.41 10.48 -23.28
N GLY A 349 -6.68 9.62 -22.58
CA GLY A 349 -6.75 8.17 -22.81
C GLY A 349 -5.93 7.43 -21.79
N GLU A 350 -6.16 6.12 -21.68
CA GLU A 350 -5.51 5.31 -20.64
C GLU A 350 -3.97 5.36 -20.72
N LEU A 351 -3.35 5.48 -19.56
CA LEU A 351 -1.91 5.67 -19.46
C LEU A 351 -1.19 4.34 -19.45
N MET A 352 -0.26 4.19 -20.38
CA MET A 352 0.50 2.95 -20.60
C MET A 352 1.97 3.22 -20.36
N ILE A 353 2.64 2.29 -19.66
CA ILE A 353 4.04 2.50 -19.25
C ILE A 353 4.94 1.30 -19.54
N LYS A 354 6.16 1.58 -19.97
CA LYS A 354 7.15 0.54 -20.17
C LYS A 354 8.51 0.99 -19.60
N GLY A 355 9.14 0.10 -18.86
CA GLY A 355 10.45 0.37 -18.30
C GLY A 355 10.87 -0.74 -17.38
N ALA A 356 12.16 -0.75 -17.02
CA ALA A 356 12.77 -1.79 -16.20
C ALA A 356 12.25 -1.81 -14.76
N ASN A 357 11.69 -0.68 -14.34
CA ASN A 357 11.09 -0.48 -13.02
C ASN A 357 9.73 -1.14 -12.86
N VAL A 358 9.09 -1.45 -13.99
CA VAL A 358 7.75 -2.03 -14.00
C VAL A 358 7.82 -3.51 -13.61
N MET A 359 6.83 -3.96 -12.85
CA MET A 359 6.75 -5.36 -12.40
C MET A 359 6.63 -6.36 -13.56
N ASN A 360 7.02 -7.60 -13.30
CA ASN A 360 6.99 -8.65 -14.31
C ASN A 360 5.57 -9.17 -14.59
N GLY A 361 4.64 -8.85 -13.67
CA GLY A 361 3.24 -9.22 -13.76
C GLY A 361 2.79 -9.61 -12.37
N TYR A 362 1.48 -9.56 -12.10
CA TYR A 362 0.94 -9.92 -10.78
C TYR A 362 1.15 -11.39 -10.43
N LEU A 363 1.22 -11.67 -9.13
CA LEU A 363 1.24 -13.03 -8.58
C LEU A 363 -0.17 -13.55 -8.30
N TYR A 364 -1.03 -12.64 -7.87
CA TYR A 364 -2.39 -12.94 -7.47
C TYR A 364 -3.22 -11.67 -7.62
N PRO A 365 -4.51 -11.79 -8.03
CA PRO A 365 -5.18 -12.98 -8.55
C PRO A 365 -4.57 -13.47 -9.86
N THR A 366 -4.88 -14.71 -10.19
CA THR A 366 -4.21 -15.36 -11.31
C THR A 366 -5.01 -15.36 -12.62
N ASP A 367 -6.10 -14.58 -12.64
CA ASP A 367 -6.95 -14.43 -13.82
C ASP A 367 -6.99 -12.99 -14.37
N LEU A 368 -6.02 -12.17 -13.98
CA LEU A 368 -5.88 -10.84 -14.54
C LEU A 368 -5.13 -11.04 -15.83
N THR A 369 -5.79 -10.79 -16.95
CA THR A 369 -5.30 -11.23 -18.24
C THR A 369 -4.93 -10.05 -19.13
N GLY A 370 -5.48 -8.88 -18.82
CA GLY A 370 -5.33 -7.68 -19.65
C GLY A 370 -4.33 -6.67 -19.14
N THR A 371 -3.42 -7.13 -18.28
CA THR A 371 -2.49 -6.24 -17.58
C THR A 371 -1.39 -5.65 -18.46
N PHE A 372 -0.96 -6.40 -19.48
CA PHE A 372 0.00 -5.88 -20.46
C PHE A 372 -0.52 -5.91 -21.89
N GLU A 373 -0.14 -4.87 -22.65
CA GLU A 373 -0.39 -4.81 -24.10
C GLU A 373 0.89 -4.41 -24.79
N ASN A 374 1.46 -5.32 -25.57
CA ASN A 374 2.78 -5.18 -26.21
C ASN A 374 3.91 -4.77 -25.26
N GLY A 375 3.87 -5.31 -24.04
CA GLY A 375 4.84 -4.99 -22.99
C GLY A 375 4.52 -3.76 -22.16
N TYR A 376 3.56 -2.95 -22.62
CA TYR A 376 3.13 -1.76 -21.88
C TYR A 376 2.18 -2.12 -20.77
N PHE A 377 2.48 -1.66 -19.56
CA PHE A 377 1.59 -1.84 -18.43
C PHE A 377 0.47 -0.80 -18.48
N ASN A 378 -0.76 -1.29 -18.46
CA ASN A 378 -1.94 -0.44 -18.43
C ASN A 378 -2.19 -0.03 -16.99
N THR A 379 -1.88 1.23 -16.69
CA THR A 379 -2.03 1.77 -15.34
C THR A 379 -3.51 1.83 -14.93
N GLY A 380 -4.38 2.11 -15.90
CA GLY A 380 -5.81 2.29 -15.63
C GLY A 380 -6.11 3.70 -15.19
N ASP A 381 -5.19 4.62 -15.52
CA ASP A 381 -5.35 6.05 -15.23
C ASP A 381 -5.62 6.75 -16.54
N ILE A 382 -6.53 7.72 -16.53
CA ILE A 382 -6.77 8.54 -17.70
C ILE A 382 -5.83 9.74 -17.61
N ALA A 383 -5.03 9.91 -18.65
CA ALA A 383 -4.03 10.95 -18.64
C ALA A 383 -3.93 11.58 -20.02
N GLU A 384 -3.13 12.63 -20.12
CA GLU A 384 -2.78 13.21 -21.40
C GLU A 384 -1.32 13.63 -21.33
N ILE A 385 -0.69 13.74 -22.49
CA ILE A 385 0.62 14.34 -22.58
C ILE A 385 0.45 15.55 -23.47
N ASP A 386 0.68 16.74 -22.92
CA ASP A 386 0.62 17.95 -23.75
C ASP A 386 1.86 18.06 -24.64
N HIS A 387 1.89 19.11 -25.45
CA HIS A 387 2.88 19.32 -26.51
C HIS A 387 4.34 19.37 -26.03
N GLU A 388 4.50 19.50 -24.71
CA GLU A 388 5.81 19.74 -24.08
C GLU A 388 6.34 18.53 -23.28
N GLY A 389 5.48 17.54 -23.05
CA GLY A 389 5.88 16.32 -22.36
C GLY A 389 5.32 16.16 -20.96
N TYR A 390 4.56 17.16 -20.51
CA TYR A 390 3.92 17.15 -19.19
C TYR A 390 2.73 16.19 -19.19
N VAL A 391 2.73 15.27 -18.23
CA VAL A 391 1.61 14.37 -18.05
C VAL A 391 0.67 14.93 -16.99
N MET A 392 -0.63 14.95 -17.31
CA MET A 392 -1.65 15.32 -16.33
C MET A 392 -2.56 14.13 -16.12
N ILE A 393 -2.73 13.71 -14.89
CA ILE A 393 -3.64 12.62 -14.60
C ILE A 393 -5.02 13.15 -14.38
N TYR A 394 -6.01 12.49 -14.92
CA TYR A 394 -7.37 12.79 -14.57
C TYR A 394 -7.98 11.62 -13.87
N ASP A 395 -9.10 11.19 -14.38
CA ASP A 395 -9.83 10.12 -13.76
C ASP A 395 -9.11 8.78 -13.69
N ARG A 396 -9.74 7.83 -13.03
CA ARG A 396 -9.29 6.45 -13.03
CA ARG A 396 -9.27 6.45 -13.06
C ARG A 396 -10.32 5.54 -13.67
N ARG A 397 -9.85 4.46 -14.29
CA ARG A 397 -10.72 3.38 -14.73
C ARG A 397 -11.14 2.66 -13.44
N LYS A 398 -12.44 2.52 -13.24
CA LYS A 398 -12.95 1.89 -12.01
C LYS A 398 -12.93 0.36 -12.08
N ASP A 399 -12.15 -0.22 -11.18
CA ASP A 399 -11.91 -1.66 -11.13
C ASP A 399 -12.84 -2.39 -10.18
N LEU A 400 -13.87 -1.67 -9.71
CA LEU A 400 -14.76 -2.17 -8.68
C LEU A 400 -16.17 -1.64 -8.92
N ILE A 401 -17.13 -2.56 -8.90
CA ILE A 401 -18.53 -2.19 -8.86
C ILE A 401 -19.09 -2.88 -7.62
N ILE A 402 -19.53 -2.08 -6.65
CA ILE A 402 -20.22 -2.62 -5.49
C ILE A 402 -21.71 -2.59 -5.81
N SER A 403 -22.29 -3.77 -5.91
CA SER A 403 -23.67 -3.93 -6.36
C SER A 403 -24.45 -4.86 -5.43
N GLY A 404 -25.37 -4.28 -4.65
CA GLY A 404 -26.20 -5.04 -3.71
C GLY A 404 -25.42 -5.77 -2.64
N GLY A 405 -24.45 -5.07 -2.05
CA GLY A 405 -23.60 -5.63 -1.00
C GLY A 405 -22.67 -6.73 -1.48
N GLU A 406 -22.23 -6.63 -2.74
CA GLU A 406 -21.35 -7.61 -3.36
C GLU A 406 -20.27 -6.91 -4.17
N ASN A 407 -19.04 -7.36 -4.00
CA ASN A 407 -17.94 -6.87 -4.83
C ASN A 407 -17.96 -7.58 -6.17
N ILE A 408 -18.03 -6.82 -7.25
CA ILE A 408 -17.87 -7.41 -8.58
C ILE A 408 -16.74 -6.70 -9.35
N TYR A 409 -16.03 -7.47 -10.17
CA TYR A 409 -14.82 -6.98 -10.82
C TYR A 409 -14.98 -6.90 -12.33
N PRO A 410 -15.08 -5.68 -12.88
CA PRO A 410 -15.11 -5.43 -14.32
C PRO A 410 -14.17 -6.30 -15.16
N TYR A 411 -12.92 -6.48 -14.70
CA TYR A 411 -11.88 -7.23 -15.45
C TYR A 411 -12.29 -8.68 -15.75
N GLN A 412 -13.04 -9.28 -14.83
CA GLN A 412 -13.54 -10.65 -14.99
C GLN A 412 -14.62 -10.76 -16.07
N ILE A 413 -15.49 -9.76 -16.15
CA ILE A 413 -16.56 -9.71 -17.16
C ILE A 413 -15.93 -9.45 -18.54
N GLU A 414 -14.99 -8.50 -18.59
CA GLU A 414 -14.30 -8.15 -19.82
C GLU A 414 -13.49 -9.31 -20.41
N THR A 415 -12.95 -10.19 -19.56
CA THR A 415 -12.24 -11.40 -20.01
C THR A 415 -13.17 -12.33 -20.78
N VAL A 416 -14.31 -12.64 -20.17
CA VAL A 416 -15.32 -13.53 -20.74
C VAL A 416 -16.01 -12.93 -21.99
N ALA A 417 -16.32 -11.64 -21.94
CA ALA A 417 -17.02 -10.95 -23.02
C ALA A 417 -16.17 -10.87 -24.29
N LYS A 418 -14.88 -10.65 -24.13
CA LYS A 418 -13.97 -10.55 -25.27
C LYS A 418 -13.81 -11.88 -26.04
N GLN A 419 -14.20 -13.01 -25.41
CA GLN A 419 -14.16 -14.32 -26.04
CA GLN A 419 -14.14 -14.30 -26.06
C GLN A 419 -15.44 -14.66 -26.82
N PHE A 420 -16.51 -13.90 -26.58
CA PHE A 420 -17.75 -14.07 -27.33
C PHE A 420 -17.50 -13.69 -28.79
N PRO A 421 -17.94 -14.53 -29.75
CA PRO A 421 -17.88 -14.31 -31.20
C PRO A 421 -18.20 -12.87 -31.67
N GLY A 422 -17.25 -12.20 -32.29
CA GLY A 422 -17.50 -10.89 -32.89
C GLY A 422 -17.20 -9.67 -32.03
N ILE A 423 -17.00 -9.89 -30.73
CA ILE A 423 -16.63 -8.83 -29.80
C ILE A 423 -15.11 -8.68 -29.81
N SER A 424 -14.65 -7.56 -30.36
CA SER A 424 -13.22 -7.23 -30.43
C SER A 424 -12.72 -6.54 -29.17
N ASP A 425 -13.59 -5.74 -28.55
CA ASP A 425 -13.25 -4.99 -27.35
C ASP A 425 -14.46 -4.71 -26.48
N ALA A 426 -14.22 -4.58 -25.18
CA ALA A 426 -15.28 -4.38 -24.19
C ALA A 426 -14.79 -3.70 -22.92
N VAL A 427 -15.67 -2.92 -22.30
CA VAL A 427 -15.42 -2.39 -20.97
C VAL A 427 -16.70 -2.48 -20.12
N CYS A 428 -16.56 -2.95 -18.89
CA CYS A 428 -17.70 -3.07 -17.98
C CYS A 428 -17.63 -1.95 -16.93
N VAL A 429 -18.65 -1.09 -16.92
CA VAL A 429 -18.68 0.05 -16.00
C VAL A 429 -19.86 -0.06 -15.04
N GLY A 430 -19.87 0.80 -14.02
CA GLY A 430 -20.99 0.91 -13.10
C GLY A 430 -22.13 1.72 -13.71
N HIS A 431 -23.35 1.31 -13.42
CA HIS A 431 -24.55 1.97 -13.95
C HIS A 431 -25.54 2.12 -12.80
N PRO A 432 -26.14 3.32 -12.62
CA PRO A 432 -27.05 3.56 -11.49
C PRO A 432 -28.31 2.71 -11.55
N ASP A 433 -28.76 2.24 -10.38
CA ASP A 433 -29.92 1.38 -10.25
C ASP A 433 -30.54 1.57 -8.87
N ASP A 434 -31.72 2.19 -8.79
CA ASP A 434 -32.34 2.53 -7.49
C ASP A 434 -32.62 1.37 -6.52
N THR A 435 -32.80 0.16 -7.05
CA THR A 435 -32.98 -1.04 -6.23
C THR A 435 -31.66 -1.58 -5.67
N TRP A 436 -30.54 -1.30 -6.36
CA TRP A 436 -29.23 -1.87 -5.99
C TRP A 436 -28.08 -0.87 -5.83
N GLY A 437 -28.31 0.40 -6.18
CA GLY A 437 -27.28 1.43 -6.11
C GLY A 437 -26.55 1.55 -7.42
N GLN A 438 -25.69 0.56 -7.68
CA GLN A 438 -24.99 0.43 -8.96
C GLN A 438 -25.22 -0.97 -9.52
N VAL A 439 -25.21 -1.10 -10.84
CA VAL A 439 -25.21 -2.42 -11.52
C VAL A 439 -24.15 -2.43 -12.63
N PRO A 440 -23.63 -3.62 -12.99
CA PRO A 440 -22.75 -3.64 -14.15
C PRO A 440 -23.48 -3.47 -15.49
N LYS A 441 -22.92 -2.62 -16.34
CA LYS A 441 -23.31 -2.45 -17.73
C LYS A 441 -22.09 -2.72 -18.63
N LEU A 442 -22.26 -3.54 -19.65
CA LEU A 442 -21.19 -3.85 -20.61
C LEU A 442 -21.29 -3.02 -21.89
N TYR A 443 -20.22 -2.30 -22.20
CA TYR A 443 -20.04 -1.65 -23.50
C TYR A 443 -19.12 -2.51 -24.36
N PHE A 444 -19.47 -2.71 -25.62
CA PHE A 444 -18.65 -3.53 -26.52
C PHE A 444 -18.50 -2.98 -27.93
N VAL A 445 -17.33 -3.19 -28.52
CA VAL A 445 -17.09 -2.88 -29.92
C VAL A 445 -17.24 -4.18 -30.73
N SER A 446 -18.06 -4.14 -31.77
CA SER A 446 -18.33 -5.30 -32.59
C SER A 446 -18.56 -4.91 -34.05
N GLU A 447 -17.93 -5.66 -34.96
CA GLU A 447 -18.12 -5.44 -36.39
C GLU A 447 -19.45 -6.01 -36.87
N SER A 448 -19.99 -6.96 -36.10
CA SER A 448 -21.23 -7.63 -36.47
C SER A 448 -22.41 -7.07 -35.69
N ASP A 449 -23.37 -7.93 -35.36
CA ASP A 449 -24.60 -7.50 -34.71
C ASP A 449 -24.97 -8.42 -33.56
N ILE A 450 -24.45 -8.12 -32.38
CA ILE A 450 -24.50 -9.05 -31.25
C ILE A 450 -25.92 -9.23 -30.72
N SER A 451 -26.34 -10.48 -30.58
CA SER A 451 -27.57 -10.82 -29.88
C SER A 451 -27.33 -10.77 -28.38
N LYS A 452 -28.08 -9.92 -27.68
CA LYS A 452 -27.99 -9.78 -26.22
C LYS A 452 -28.27 -11.10 -25.50
N ALA A 453 -29.25 -11.85 -25.99
CA ALA A 453 -29.67 -13.11 -25.39
C ALA A 453 -28.57 -14.17 -25.46
N GLN A 454 -27.83 -14.18 -26.56
CA GLN A 454 -26.74 -15.13 -26.76
C GLN A 454 -25.55 -14.76 -25.90
N LEU A 455 -25.31 -13.46 -25.78
CA LEU A 455 -24.25 -12.92 -24.93
C LEU A 455 -24.52 -13.17 -23.44
N ILE A 456 -25.76 -12.92 -23.00
CA ILE A 456 -26.17 -13.19 -21.63
C ILE A 456 -25.96 -14.66 -21.26
N ALA A 457 -26.42 -15.55 -22.14
CA ALA A 457 -26.25 -16.99 -22.00
C ALA A 457 -24.79 -17.42 -21.98
N TYR A 458 -23.95 -16.78 -22.79
CA TYR A 458 -22.53 -17.09 -22.83
C TYR A 458 -21.83 -16.61 -21.58
N LEU A 459 -22.18 -15.39 -21.16
CA LEU A 459 -21.66 -14.80 -19.93
C LEU A 459 -22.02 -15.67 -18.72
N SER A 460 -23.28 -16.11 -18.63
CA SER A 460 -23.79 -16.97 -17.54
C SER A 460 -23.13 -18.35 -17.45
N LYS A 461 -22.62 -18.87 -18.56
CA LYS A 461 -21.92 -20.15 -18.55
C LYS A 461 -20.54 -20.06 -17.95
N HIS A 462 -19.97 -18.85 -17.92
CA HIS A 462 -18.59 -18.66 -17.49
C HIS A 462 -18.41 -17.74 -16.29
N LEU A 463 -19.51 -17.17 -15.81
CA LEU A 463 -19.49 -16.29 -14.65
C LEU A 463 -20.57 -16.74 -13.68
N ALA A 464 -20.36 -16.48 -12.40
CA ALA A 464 -21.42 -16.62 -11.40
C ALA A 464 -22.51 -15.59 -11.69
N LYS A 465 -23.77 -15.97 -11.46
CA LYS A 465 -24.96 -15.20 -11.87
C LYS A 465 -24.97 -13.71 -11.50
N TYR A 466 -24.45 -13.37 -10.33
CA TYR A 466 -24.43 -11.97 -9.84
C TYR A 466 -23.45 -11.09 -10.63
N LYS A 467 -22.40 -11.69 -11.17
CA LYS A 467 -21.39 -10.97 -11.95
C LYS A 467 -21.89 -10.63 -13.36
N VAL A 468 -22.91 -11.36 -13.82
CA VAL A 468 -23.46 -11.17 -15.16
C VAL A 468 -24.22 -9.84 -15.25
N PRO A 469 -23.82 -8.96 -16.20
CA PRO A 469 -24.47 -7.67 -16.40
C PRO A 469 -25.92 -7.80 -16.85
N LYS A 470 -26.67 -6.71 -16.70
CA LYS A 470 -28.07 -6.69 -17.07
C LYS A 470 -28.39 -5.60 -18.09
N HIS A 471 -27.36 -4.83 -18.46
CA HIS A 471 -27.47 -3.79 -19.47
C HIS A 471 -26.29 -3.87 -20.42
N PHE A 472 -26.56 -3.65 -21.70
CA PHE A 472 -25.58 -3.83 -22.76
C PHE A 472 -25.68 -2.70 -23.77
N GLU A 473 -24.54 -2.33 -24.37
CA GLU A 473 -24.54 -1.34 -25.43
C GLU A 473 -23.44 -1.55 -26.48
N LYS A 474 -23.86 -1.76 -27.73
CA LYS A 474 -22.94 -1.75 -28.84
C LYS A 474 -22.50 -0.33 -29.11
N VAL A 475 -21.19 -0.11 -29.16
CA VAL A 475 -20.62 1.22 -29.40
C VAL A 475 -19.49 1.13 -30.42
N ASP A 476 -19.18 2.25 -31.07
CA ASP A 476 -18.13 2.26 -32.08
C ASP A 476 -16.75 2.54 -31.49
N THR A 477 -16.74 3.20 -30.33
CA THR A 477 -15.53 3.49 -29.57
C THR A 477 -15.87 3.47 -28.08
N LEU A 478 -15.05 2.78 -27.29
CA LEU A 478 -15.33 2.55 -25.86
C LEU A 478 -15.22 3.79 -24.96
N PRO A 479 -16.25 4.03 -24.10
CA PRO A 479 -16.27 5.22 -23.22
C PRO A 479 -15.19 5.21 -22.14
N LEU B 3 -7.63 -1.58 16.11
CA LEU B 3 -8.67 -1.86 17.15
C LEU B 3 -10.12 -1.75 16.63
N ASP B 4 -11.07 -2.01 17.53
CA ASP B 4 -12.50 -2.07 17.21
CA ASP B 4 -12.49 -2.06 17.17
C ASP B 4 -13.13 -0.69 17.09
N PHE B 5 -14.05 -0.55 16.13
CA PHE B 5 -14.86 0.66 16.01
C PHE B 5 -15.69 0.84 17.27
N TRP B 6 -15.79 2.09 17.74
CA TRP B 6 -16.50 2.44 18.98
C TRP B 6 -17.95 1.98 19.03
N LEU B 7 -18.63 2.06 17.89
CA LEU B 7 -20.02 1.63 17.76
C LEU B 7 -20.14 0.11 17.80
N TYR B 8 -19.18 -0.57 17.16
CA TYR B 8 -19.11 -2.02 17.23
C TYR B 8 -18.87 -2.47 18.67
N LYS B 9 -17.92 -1.83 19.34
CA LYS B 9 -17.61 -2.10 20.74
C LYS B 9 -18.84 -1.92 21.63
N GLN B 10 -19.70 -0.97 21.30
CA GLN B 10 -20.91 -0.72 22.07
C GLN B 10 -22.01 -1.72 21.81
N ALA B 11 -22.10 -2.21 20.58
CA ALA B 11 -23.06 -3.26 20.24
C ALA B 11 -22.72 -4.62 20.85
N GLN B 12 -21.43 -4.86 21.10
CA GLN B 12 -20.98 -6.14 21.65
C GLN B 12 -20.92 -6.17 23.17
N GLN B 13 -20.65 -5.03 23.80
CA GLN B 13 -20.52 -5.01 25.25
CA GLN B 13 -20.48 -4.92 25.26
C GLN B 13 -21.79 -4.56 25.98
N ASN B 14 -22.54 -3.61 25.41
CA ASN B 14 -23.89 -3.30 25.91
C ASN B 14 -24.92 -3.03 24.81
N GLY B 15 -25.17 -4.05 23.99
CA GLY B 15 -26.00 -3.91 22.79
C GLY B 15 -27.43 -3.45 23.01
N HIS B 16 -27.99 -3.81 24.16
CA HIS B 16 -29.39 -3.47 24.47
C HIS B 16 -29.56 -2.07 25.04
N HIS B 17 -28.46 -1.41 25.37
CA HIS B 17 -28.50 -0.03 25.86
C HIS B 17 -28.97 0.92 24.78
N ILE B 18 -29.77 1.91 25.18
CA ILE B 18 -30.31 2.89 24.23
C ILE B 18 -29.23 3.88 23.82
N ALA B 19 -29.06 4.01 22.50
CA ALA B 19 -28.06 4.88 21.93
C ALA B 19 -28.61 6.28 21.72
N ILE B 20 -29.74 6.36 21.02
CA ILE B 20 -30.37 7.60 20.61
C ILE B 20 -31.88 7.48 20.74
N THR B 21 -32.52 8.56 21.19
CA THR B 21 -33.97 8.63 21.22
C THR B 21 -34.43 10.01 20.77
N ASP B 22 -35.54 10.07 20.04
CA ASP B 22 -36.09 11.36 19.65
C ASP B 22 -37.49 11.61 20.22
N GLY B 23 -37.94 10.75 21.13
CA GLY B 23 -39.27 10.90 21.72
C GLY B 23 -40.41 10.36 20.87
N GLN B 24 -40.07 9.53 19.88
CA GLN B 24 -41.03 8.86 19.00
C GLN B 24 -40.46 7.54 18.52
N GLU B 25 -39.22 7.58 18.02
CA GLU B 25 -38.46 6.37 17.73
C GLU B 25 -37.25 6.31 18.66
N SER B 26 -36.71 5.11 18.82
CA SER B 26 -35.62 4.87 19.73
C SER B 26 -34.73 3.75 19.19
N TYR B 27 -33.42 3.87 19.43
CA TYR B 27 -32.44 2.89 18.95
C TYR B 27 -31.52 2.42 20.06
N THR B 28 -31.29 1.12 20.11
CA THR B 28 -30.27 0.55 20.97
C THR B 28 -28.91 0.60 20.23
N TYR B 29 -27.83 0.29 20.95
CA TYR B 29 -26.52 0.22 20.32
C TYR B 29 -26.41 -0.88 19.28
N GLN B 30 -27.05 -2.02 19.56
CA GLN B 30 -27.24 -3.10 18.59
C GLN B 30 -27.95 -2.63 17.32
N ASN B 31 -29.10 -1.98 17.46
CA ASN B 31 -29.86 -1.46 16.31
C ASN B 31 -29.10 -0.42 15.51
N LEU B 32 -28.50 0.54 16.22
CA LEU B 32 -27.67 1.59 15.60
C LEU B 32 -26.55 0.96 14.78
N TYR B 33 -25.85 -0.01 15.36
CA TYR B 33 -24.76 -0.67 14.67
C TYR B 33 -25.21 -1.44 13.44
N CYS B 34 -26.30 -2.18 13.57
CA CYS B 34 -26.85 -2.95 12.45
CA CYS B 34 -26.86 -2.95 12.46
C CYS B 34 -27.24 -2.03 11.30
N GLU B 35 -27.99 -0.97 11.59
CA GLU B 35 -28.48 -0.07 10.55
C GLU B 35 -27.38 0.78 9.91
N ALA B 36 -26.41 1.18 10.73
CA ALA B 36 -25.23 1.89 10.24
C ALA B 36 -24.33 0.99 9.39
N SER B 37 -24.20 -0.28 9.78
CA SER B 37 -23.48 -1.28 8.97
C SER B 37 -24.12 -1.50 7.60
N LEU B 38 -25.44 -1.71 7.61
CA LEU B 38 -26.26 -1.82 6.41
C LEU B 38 -26.11 -0.61 5.48
N LEU B 39 -26.21 0.59 6.05
CA LEU B 39 -26.02 1.82 5.30
C LEU B 39 -24.57 1.99 4.81
N ALA B 40 -23.60 1.61 5.64
CA ALA B 40 -22.18 1.73 5.31
C ALA B 40 -21.80 1.03 4.00
N LYS B 41 -22.38 -0.15 3.76
CA LYS B 41 -22.20 -0.91 2.52
C LYS B 41 -22.64 -0.13 1.27
N ARG B 42 -23.77 0.57 1.41
CA ARG B 42 -24.31 1.39 0.34
C ARG B 42 -23.53 2.69 0.06
N LEU B 43 -22.87 3.24 1.09
CA LEU B 43 -22.11 4.50 0.92
C LEU B 43 -20.74 4.24 0.29
N LYS B 44 -20.18 3.07 0.58
CA LYS B 44 -18.92 2.59 0.03
C LYS B 44 -18.98 2.41 -1.49
N ALA B 45 -20.18 2.08 -1.98
CA ALA B 45 -20.48 1.91 -3.41
C ALA B 45 -20.30 3.18 -4.23
N TYR B 46 -20.12 4.31 -3.55
CA TYR B 46 -19.92 5.59 -4.22
C TYR B 46 -18.43 5.85 -4.39
N GLN B 47 -17.63 5.06 -3.69
CA GLN B 47 -16.17 5.05 -3.80
C GLN B 47 -15.52 6.43 -3.57
N GLN B 48 -15.97 7.09 -2.51
CA GLN B 48 -15.46 8.39 -2.07
C GLN B 48 -14.95 8.27 -0.65
N SER B 49 -13.75 8.79 -0.41
CA SER B 49 -13.14 8.76 0.92
C SER B 49 -13.59 9.97 1.77
N ARG B 50 -14.12 10.98 1.08
CA ARG B 50 -14.55 12.22 1.71
C ARG B 50 -15.81 12.73 1.04
N VAL B 51 -16.84 12.95 1.87
CA VAL B 51 -18.17 13.34 1.42
C VAL B 51 -18.72 14.48 2.27
N GLY B 52 -19.64 15.24 1.69
CA GLY B 52 -20.36 16.29 2.39
C GLY B 52 -21.59 15.72 3.07
N LEU B 53 -21.90 16.24 4.26
CA LEU B 53 -23.10 15.88 4.99
C LEU B 53 -23.90 17.13 5.26
N TYR B 54 -25.04 17.24 4.58
CA TYR B 54 -25.99 18.32 4.77
C TYR B 54 -27.15 17.76 5.61
N ILE B 55 -27.09 17.95 6.94
CA ILE B 55 -27.97 17.19 7.86
C ILE B 55 -28.64 18.04 8.94
N ASP B 56 -29.74 17.52 9.49
CA ASP B 56 -30.41 18.13 10.65
C ASP B 56 -30.17 17.27 11.89
N ASN B 57 -30.72 17.70 13.03
CA ASN B 57 -30.66 16.94 14.29
C ASN B 57 -31.71 15.84 14.30
N SER B 58 -31.42 14.72 13.67
CA SER B 58 -32.38 13.62 13.59
C SER B 58 -31.69 12.29 13.77
N ILE B 59 -32.46 11.27 14.14
CA ILE B 59 -31.99 9.88 14.19
C ILE B 59 -31.32 9.48 12.86
N GLN B 60 -32.01 9.75 11.76
CA GLN B 60 -31.54 9.46 10.41
C GLN B 60 -30.15 10.04 10.15
N SER B 61 -29.95 11.29 10.57
CA SER B 61 -28.68 11.99 10.43
C SER B 61 -27.55 11.35 11.23
N ILE B 62 -27.89 10.84 12.40
CA ILE B 62 -26.94 10.18 13.28
C ILE B 62 -26.54 8.80 12.74
N ILE B 63 -27.50 8.08 12.14
CA ILE B 63 -27.23 6.80 11.45
C ILE B 63 -26.17 7.02 10.37
N LEU B 64 -26.41 8.04 9.54
CA LEU B 64 -25.52 8.43 8.44
C LEU B 64 -24.11 8.79 8.92
N ILE B 65 -24.00 9.53 10.02
CA ILE B 65 -22.70 9.89 10.61
C ILE B 65 -21.93 8.63 11.01
N HIS B 66 -22.58 7.76 11.77
CA HIS B 66 -22.00 6.52 12.23
C HIS B 66 -21.62 5.55 11.11
N ALA B 67 -22.45 5.52 10.08
CA ALA B 67 -22.24 4.69 8.89
C ALA B 67 -21.04 5.15 8.06
N CYS B 68 -20.91 6.47 7.87
CA CYS B 68 -19.76 7.07 7.21
C CYS B 68 -18.45 6.71 7.88
N TRP B 69 -18.45 6.68 9.21
CA TRP B 69 -17.25 6.34 9.96
C TRP B 69 -16.91 4.86 9.83
N LEU B 70 -17.94 4.03 9.78
CA LEU B 70 -17.76 2.57 9.61
C LEU B 70 -17.28 2.22 8.22
N ALA B 71 -17.63 3.06 7.25
CA ALA B 71 -17.21 2.91 5.86
C ALA B 71 -15.84 3.54 5.59
N ASN B 72 -15.19 4.05 6.64
CA ASN B 72 -13.91 4.78 6.54
C ASN B 72 -13.98 6.02 5.65
N ILE B 73 -15.11 6.72 5.74
CA ILE B 73 -15.32 8.00 5.05
C ILE B 73 -15.14 9.17 6.03
N GLU B 74 -14.45 10.21 5.54
CA GLU B 74 -14.29 11.50 6.22
C GLU B 74 -15.51 12.35 5.98
N ILE B 75 -16.08 12.87 7.06
CA ILE B 75 -17.30 13.69 7.01
C ILE B 75 -16.93 15.16 6.99
N ALA B 76 -17.33 15.86 5.93
CA ALA B 76 -17.37 17.31 5.95
C ALA B 76 -18.79 17.77 6.28
N MET B 77 -18.94 18.33 7.48
CA MET B 77 -20.22 18.84 7.95
C MET B 77 -20.49 20.18 7.29
N ILE B 78 -21.63 20.29 6.64
CA ILE B 78 -22.06 21.56 6.05
C ILE B 78 -22.90 22.33 7.05
N ASN B 79 -22.49 23.58 7.30
CA ASN B 79 -23.31 24.52 8.04
C ASN B 79 -24.56 24.84 7.22
N THR B 80 -25.70 24.55 7.82
CA THR B 80 -27.04 24.72 7.22
C THR B 80 -27.38 26.19 6.92
N ARG B 81 -26.79 27.12 7.68
CA ARG B 81 -27.05 28.54 7.40
CA ARG B 81 -26.96 28.57 7.51
C ARG B 81 -25.98 29.19 6.50
N LEU B 82 -25.46 28.40 5.58
CA LEU B 82 -24.55 28.91 4.57
C LEU B 82 -25.30 29.26 3.29
N THR B 83 -24.80 30.26 2.56
CA THR B 83 -25.29 30.54 1.21
C THR B 83 -24.82 29.44 0.26
N PRO B 84 -25.54 29.24 -0.88
CA PRO B 84 -25.08 28.30 -1.90
C PRO B 84 -23.66 28.56 -2.42
N ASN B 85 -23.27 29.84 -2.47
CA ASN B 85 -21.93 30.25 -2.82
C ASN B 85 -20.88 29.83 -1.78
N GLU B 86 -21.21 30.02 -0.51
CA GLU B 86 -20.36 29.62 0.62
C GLU B 86 -20.19 28.12 0.68
N MET B 87 -21.30 27.37 0.52
CA MET B 87 -21.30 25.91 0.50
C MET B 87 -20.43 25.31 -0.61
N THR B 88 -20.54 25.88 -1.80
CA THR B 88 -19.80 25.49 -2.98
C THR B 88 -18.29 25.67 -2.78
N ASN B 89 -17.90 26.87 -2.37
CA ASN B 89 -16.48 27.19 -2.19
C ASN B 89 -15.83 26.36 -1.09
N GLN B 90 -16.57 26.12 -0.01
CA GLN B 90 -16.09 25.31 1.11
C GLN B 90 -15.86 23.87 0.69
N MET B 91 -16.85 23.28 0.02
CA MET B 91 -16.73 21.93 -0.53
C MET B 91 -15.63 21.81 -1.60
N ARG B 92 -15.54 22.76 -2.51
CA ARG B 92 -14.47 22.76 -3.54
C ARG B 92 -13.06 22.87 -2.96
N SER B 93 -12.90 23.67 -1.91
CA SER B 93 -11.60 23.86 -1.26
C SER B 93 -11.04 22.60 -0.59
N ILE B 94 -11.92 21.64 -0.28
CA ILE B 94 -11.49 20.40 0.38
C ILE B 94 -11.79 19.16 -0.47
N ASP B 95 -12.03 19.39 -1.76
CA ASP B 95 -12.21 18.35 -2.78
C ASP B 95 -13.35 17.37 -2.49
N VAL B 96 -14.54 17.87 -2.18
CA VAL B 96 -15.70 16.99 -2.23
C VAL B 96 -16.54 17.31 -3.45
N GLN B 97 -17.05 16.24 -4.05
CA GLN B 97 -17.99 16.31 -5.15
C GLN B 97 -19.30 15.63 -4.77
N LEU B 98 -19.28 14.83 -3.71
CA LEU B 98 -20.47 14.09 -3.27
C LEU B 98 -21.02 14.60 -1.94
N ILE B 99 -22.29 15.00 -1.93
CA ILE B 99 -22.99 15.46 -0.74
C ILE B 99 -24.19 14.56 -0.39
N PHE B 100 -24.15 13.93 0.79
CA PHE B 100 -25.27 13.14 1.33
C PHE B 100 -26.16 14.02 2.21
N CYS B 101 -27.49 13.85 2.10
CA CYS B 101 -28.45 14.78 2.71
CA CYS B 101 -28.40 14.75 2.80
C CYS B 101 -29.61 14.08 3.43
N THR B 102 -30.01 14.62 4.58
CA THR B 102 -31.27 14.22 5.26
C THR B 102 -32.29 15.37 5.17
N LEU B 103 -31.87 16.49 4.58
CA LEU B 103 -32.75 17.63 4.27
C LEU B 103 -32.67 17.89 2.77
N PRO B 104 -33.72 18.48 2.17
CA PRO B 104 -33.64 18.78 0.74
C PRO B 104 -32.53 19.75 0.39
N LEU B 105 -31.64 19.32 -0.50
CA LEU B 105 -30.60 20.20 -1.02
C LEU B 105 -30.54 20.11 -2.53
N GLU B 106 -30.44 21.28 -3.16
CA GLU B 106 -30.07 21.39 -4.55
C GLU B 106 -28.85 22.31 -4.58
N LEU B 107 -27.75 21.81 -5.15
CA LEU B 107 -26.51 22.57 -5.26
C LEU B 107 -25.79 22.20 -6.57
N ARG B 108 -25.63 23.18 -7.44
CA ARG B 108 -25.09 22.97 -8.78
C ARG B 108 -23.60 22.63 -8.78
N GLY B 109 -23.25 21.54 -9.47
CA GLY B 109 -21.87 21.11 -9.60
C GLY B 109 -21.48 19.98 -8.67
N PHE B 110 -22.47 19.45 -7.97
CA PHE B 110 -22.24 18.42 -6.95
C PHE B 110 -23.23 17.28 -7.11
N GLN B 111 -22.75 16.08 -6.81
CA GLN B 111 -23.61 14.91 -6.75
C GLN B 111 -24.32 14.95 -5.40
N ILE B 112 -25.57 15.37 -5.44
CA ILE B 112 -26.42 15.40 -4.26
C ILE B 112 -27.17 14.08 -4.20
N VAL B 113 -27.10 13.41 -3.06
CA VAL B 113 -27.81 12.14 -2.84
C VAL B 113 -28.62 12.22 -1.55
N SER B 114 -29.94 12.11 -1.68
CA SER B 114 -30.84 12.08 -0.53
C SER B 114 -30.86 10.71 0.13
N LEU B 115 -30.89 10.69 1.46
CA LEU B 115 -30.82 9.45 2.23
C LEU B 115 -32.10 8.60 2.14
N ASP B 116 -33.21 9.23 1.76
CA ASP B 116 -34.47 8.52 1.56
C ASP B 116 -34.40 7.60 0.33
N ASP B 117 -33.60 8.03 -0.65
CA ASP B 117 -33.35 7.28 -1.88
C ASP B 117 -32.40 6.08 -1.68
N ILE B 118 -31.61 6.08 -0.61
CA ILE B 118 -30.69 4.98 -0.32
C ILE B 118 -31.32 3.90 0.56
N GLU B 119 -31.97 4.31 1.66
CA GLU B 119 -32.51 3.37 2.65
C GLU B 119 -33.73 2.54 2.20
N PHE B 120 -34.41 2.99 1.14
CA PHE B 120 -35.44 2.19 0.48
C PHE B 120 -34.89 1.53 -0.78
N SER B 151 -19.87 -7.83 12.61
CA SER B 151 -18.46 -7.42 12.69
C SER B 151 -18.01 -6.70 11.41
N PRO B 152 -17.39 -5.50 11.55
CA PRO B 152 -17.05 -4.69 10.37
C PRO B 152 -15.88 -5.27 9.59
N SER B 153 -15.07 -6.07 10.28
CA SER B 153 -13.92 -6.77 9.72
C SER B 153 -14.33 -7.97 8.86
N ASN B 154 -15.62 -8.35 8.95
CA ASN B 154 -16.24 -9.37 8.09
C ASN B 154 -17.18 -8.75 7.08
N ILE B 155 -18.15 -7.96 7.57
CA ILE B 155 -19.28 -7.49 6.75
C ILE B 155 -19.02 -6.18 5.99
N LEU B 156 -17.86 -5.57 6.20
CA LEU B 156 -17.45 -4.35 5.49
C LEU B 156 -15.99 -4.39 5.03
N ASN B 157 -15.20 -5.21 5.71
CA ASN B 157 -13.73 -5.28 5.58
C ASN B 157 -13.03 -3.94 5.86
N THR B 158 -13.57 -3.22 6.84
CA THR B 158 -13.01 -1.93 7.25
C THR B 158 -12.37 -2.03 8.62
N SER B 159 -11.41 -1.15 8.85
CA SER B 159 -10.64 -1.14 10.08
C SER B 159 -10.69 0.24 10.73
N PHE B 160 -10.65 0.27 12.05
CA PHE B 160 -10.67 1.52 12.79
C PHE B 160 -9.28 2.01 13.18
N ASN B 161 -8.98 3.25 12.79
CA ASN B 161 -7.71 3.90 13.12
CA ASN B 161 -7.72 3.89 13.11
C ASN B 161 -7.95 5.27 13.72
N LEU B 162 -7.38 5.51 14.90
CA LEU B 162 -7.54 6.78 15.62
C LEU B 162 -6.96 8.01 14.93
N ASP B 163 -6.00 7.79 14.05
CA ASP B 163 -5.32 8.87 13.33
C ASP B 163 -6.06 9.30 12.07
N ASP B 164 -7.08 8.54 11.69
CA ASP B 164 -7.97 8.90 10.58
C ASP B 164 -8.75 10.16 10.93
N ILE B 165 -8.95 11.00 9.92
CA ILE B 165 -9.82 12.16 10.03
C ILE B 165 -11.27 11.67 10.11
N ALA B 166 -11.96 12.07 11.18
CA ALA B 166 -13.34 11.69 11.41
C ALA B 166 -14.27 12.72 10.79
N SER B 167 -13.99 13.99 11.07
CA SER B 167 -14.86 15.08 10.66
C SER B 167 -14.04 16.31 10.24
N ILE B 168 -14.55 17.05 9.26
CA ILE B 168 -13.95 18.31 8.84
C ILE B 168 -15.00 19.38 9.03
N MET B 169 -14.67 20.39 9.81
CA MET B 169 -15.57 21.50 10.10
C MET B 169 -14.92 22.81 9.75
N PHE B 170 -15.72 23.74 9.25
CA PHE B 170 -15.24 25.08 8.91
C PHE B 170 -15.45 26.09 10.05
N THR B 171 -14.50 27.01 10.20
CA THR B 171 -14.63 28.09 11.17
C THR B 171 -15.62 29.14 10.68
N SER B 172 -16.33 29.75 11.62
CA SER B 172 -17.33 30.79 11.33
C SER B 172 -17.38 31.81 12.47
N GLY B 173 -18.05 32.94 12.22
CA GLY B 173 -18.22 33.98 13.25
C GLY B 173 -17.35 35.21 13.07
N THR B 174 -16.33 35.11 12.21
CA THR B 174 -15.48 36.25 11.86
C THR B 174 -15.34 36.34 10.34
N THR B 175 -15.56 37.54 9.79
CA THR B 175 -15.53 37.78 8.34
C THR B 175 -14.10 37.73 7.78
N GLY B 176 -13.91 36.89 6.77
CA GLY B 176 -12.61 36.68 6.13
C GLY B 176 -12.46 35.27 5.60
N PRO B 177 -11.24 34.69 5.68
CA PRO B 177 -11.06 33.29 5.30
C PRO B 177 -11.68 32.31 6.30
N GLN B 178 -12.67 31.54 5.85
CA GLN B 178 -13.19 30.40 6.61
C GLN B 178 -12.17 29.28 6.47
N LYS B 179 -11.79 28.69 7.60
CA LYS B 179 -10.72 27.70 7.63
CA LYS B 179 -10.71 27.70 7.64
C LYS B 179 -11.26 26.29 7.88
N ALA B 180 -10.72 25.31 7.16
CA ALA B 180 -11.15 23.90 7.28
C ALA B 180 -10.38 23.17 8.38
N VAL B 181 -11.09 22.74 9.41
CA VAL B 181 -10.44 22.12 10.56
C VAL B 181 -10.65 20.64 10.49
N PRO B 182 -9.56 19.88 10.32
CA PRO B 182 -9.69 18.44 10.30
C PRO B 182 -9.67 17.90 11.73
N GLN B 183 -10.55 16.95 12.00
CA GLN B 183 -10.65 16.38 13.34
C GLN B 183 -10.52 14.87 13.29
N THR B 184 -9.43 14.34 13.84
CA THR B 184 -9.20 12.90 13.89
C THR B 184 -10.00 12.27 15.02
N PHE B 185 -10.11 10.94 14.97
CA PHE B 185 -10.76 10.17 16.04
C PHE B 185 -10.00 10.30 17.35
N ARG B 186 -8.68 10.50 17.25
CA ARG B 186 -7.80 10.73 18.40
C ARG B 186 -8.02 12.10 19.06
N ASN B 187 -8.16 13.15 18.24
CA ASN B 187 -8.63 14.45 18.71
C ASN B 187 -9.94 14.31 19.54
N HIS B 188 -10.93 13.66 18.95
CA HIS B 188 -12.24 13.46 19.57
C HIS B 188 -12.18 12.63 20.84
N TYR B 189 -11.28 11.64 20.87
CA TYR B 189 -11.12 10.78 22.03
C TYR B 189 -10.50 11.55 23.18
N ALA B 190 -9.46 12.32 22.86
CA ALA B 190 -8.77 13.11 23.88
C ALA B 190 -9.69 14.13 24.51
N SER B 191 -10.50 14.80 23.69
CA SER B 191 -11.50 15.74 24.16
C SER B 191 -12.53 15.07 25.09
N ALA B 192 -13.05 13.89 24.68
CA ALA B 192 -14.07 13.15 25.43
C ALA B 192 -13.63 12.72 26.82
N ILE B 193 -12.44 12.12 26.92
CA ILE B 193 -11.90 11.67 28.21
C ILE B 193 -11.48 12.83 29.11
N GLY B 194 -11.09 13.95 28.51
CA GLY B 194 -10.87 15.20 29.24
C GLY B 194 -12.17 15.69 29.87
N CYS B 195 -13.25 15.68 29.09
CA CYS B 195 -14.58 16.09 29.52
C CYS B 195 -15.15 15.18 30.63
N LYS B 196 -14.90 13.88 30.53
CA LYS B 196 -15.34 12.93 31.56
C LYS B 196 -14.71 13.23 32.92
N GLU B 197 -13.47 13.74 32.89
CA GLU B 197 -12.77 14.16 34.10
C GLU B 197 -13.33 15.48 34.61
N SER B 198 -13.40 16.47 33.72
CA SER B 198 -13.67 17.85 34.13
C SER B 198 -15.15 18.17 34.33
N LEU B 199 -16.01 17.57 33.51
CA LEU B 199 -17.46 17.70 33.64
C LEU B 199 -18.10 16.46 34.29
N GLY B 200 -17.92 15.30 33.68
CA GLY B 200 -18.35 14.05 34.28
C GLY B 200 -19.60 13.45 33.66
N PHE B 201 -19.46 12.20 33.20
CA PHE B 201 -20.58 11.44 32.65
C PHE B 201 -20.27 9.95 32.77
N ASP B 202 -21.25 9.11 32.44
CA ASP B 202 -21.08 7.66 32.56
C ASP B 202 -22.05 6.95 31.66
N ARG B 203 -22.15 5.66 31.79
CA ARG B 203 -23.10 4.90 31.05
C ARG B 203 -24.56 5.22 31.33
N ASP B 204 -24.85 5.86 32.43
CA ASP B 204 -26.23 6.17 32.84
C ASP B 204 -26.66 7.57 32.43
N THR B 205 -25.82 8.21 31.63
CA THR B 205 -26.05 9.57 31.17
C THR B 205 -27.11 9.60 30.09
N ASN B 206 -28.02 10.56 30.18
CA ASN B 206 -28.98 10.81 29.11
C ASN B 206 -28.77 12.28 28.77
N TRP B 207 -28.08 12.50 27.66
CA TRP B 207 -27.65 13.84 27.27
C TRP B 207 -28.62 14.43 26.26
N LEU B 208 -29.29 15.52 26.63
CA LEU B 208 -30.18 16.20 25.68
C LEU B 208 -29.35 17.05 24.71
N SER B 209 -29.50 16.77 23.42
CA SER B 209 -28.71 17.48 22.40
C SER B 209 -29.58 18.29 21.44
N VAL B 210 -29.50 19.62 21.59
CA VAL B 210 -30.26 20.55 20.76
C VAL B 210 -29.36 21.46 19.91
N LEU B 211 -28.10 21.63 20.30
CA LEU B 211 -27.20 22.46 19.50
C LEU B 211 -26.93 21.81 18.12
N PRO B 212 -26.66 22.63 17.08
CA PRO B 212 -26.47 22.04 15.73
C PRO B 212 -25.50 20.86 15.72
N ILE B 213 -25.96 19.78 15.10
CA ILE B 213 -25.19 18.56 14.90
C ILE B 213 -23.93 18.81 14.05
N TYR B 214 -23.95 19.84 13.21
CA TYR B 214 -22.85 20.16 12.30
C TYR B 214 -21.75 21.03 12.93
N HIS B 215 -22.02 21.58 14.11
CA HIS B 215 -20.99 22.23 14.91
C HIS B 215 -20.50 21.34 16.04
N ILE B 216 -19.35 21.69 16.62
CA ILE B 216 -18.66 20.79 17.53
C ILE B 216 -19.38 20.53 18.84
N SER B 217 -20.17 21.50 19.33
CA SER B 217 -20.91 21.28 20.58
C SER B 217 -21.99 20.21 20.45
N GLY B 218 -22.57 20.09 19.26
CA GLY B 218 -23.49 19.01 18.92
C GLY B 218 -22.82 17.68 18.61
N LEU B 219 -21.84 17.72 17.70
CA LEU B 219 -21.10 16.51 17.31
C LEU B 219 -20.36 15.83 18.47
N SER B 220 -19.83 16.60 19.41
CA SER B 220 -19.08 16.03 20.52
C SER B 220 -19.96 15.25 21.52
N VAL B 221 -21.26 15.52 21.53
CA VAL B 221 -22.18 14.78 22.40
C VAL B 221 -22.29 13.34 21.88
N LEU B 222 -22.41 13.21 20.56
CA LEU B 222 -22.52 11.93 19.86
C LEU B 222 -21.27 11.07 20.02
N LEU B 223 -20.12 11.75 19.99
CA LEU B 223 -18.83 11.15 20.21
C LEU B 223 -18.60 10.70 21.65
N ARG B 224 -18.88 11.56 22.62
CA ARG B 224 -18.84 11.18 24.05
C ARG B 224 -19.76 9.99 24.34
N ALA B 225 -20.90 9.95 23.66
CA ALA B 225 -21.91 8.89 23.80
C ALA B 225 -21.44 7.52 23.35
N VAL B 226 -20.87 7.43 22.15
CA VAL B 226 -20.46 6.18 21.58
C VAL B 226 -19.17 5.66 22.24
N ILE B 227 -18.38 6.58 22.80
CA ILE B 227 -17.16 6.24 23.53
C ILE B 227 -17.50 5.71 24.92
N GLU B 228 -18.40 6.40 25.62
CA GLU B 228 -18.76 5.97 26.96
C GLU B 228 -19.84 4.88 26.96
N GLY B 229 -20.81 5.00 26.06
CA GLY B 229 -21.92 4.06 26.01
C GLY B 229 -23.20 4.60 26.63
N PHE B 230 -23.40 5.91 26.53
CA PHE B 230 -24.64 6.50 27.04
C PHE B 230 -25.68 6.86 25.97
N THR B 231 -26.76 7.49 26.40
CA THR B 231 -27.89 7.86 25.52
C THR B 231 -27.84 9.33 25.15
N VAL B 232 -28.09 9.63 23.88
CA VAL B 232 -28.29 10.98 23.41
C VAL B 232 -29.77 11.16 23.18
N ARG B 233 -30.35 12.21 23.73
CA ARG B 233 -31.71 12.59 23.39
C ARG B 233 -31.62 13.74 22.40
N ILE B 234 -31.89 13.43 21.13
CA ILE B 234 -31.70 14.38 20.04
C ILE B 234 -32.96 15.23 19.82
N VAL B 235 -32.80 16.54 19.83
CA VAL B 235 -33.92 17.43 19.56
C VAL B 235 -33.69 18.36 18.36
N ASP B 236 -34.75 18.46 17.54
CA ASP B 236 -34.81 19.16 16.25
C ASP B 236 -34.34 20.60 16.28
N LYS B 237 -34.95 21.40 17.15
CA LYS B 237 -34.67 22.83 17.26
C LYS B 237 -35.02 23.26 18.69
N PHE B 238 -34.54 24.43 19.11
CA PHE B 238 -34.84 24.91 20.46
C PHE B 238 -36.26 25.46 20.60
N ASN B 239 -37.01 24.83 21.51
CA ASN B 239 -38.31 25.32 21.97
C ASN B 239 -38.25 25.17 23.49
N ALA B 240 -38.31 26.28 24.21
CA ALA B 240 -38.14 26.24 25.67
C ALA B 240 -39.19 25.41 26.41
N GLU B 241 -40.43 25.43 25.95
CA GLU B 241 -41.53 24.68 26.59
C GLU B 241 -41.38 23.17 26.42
N GLN B 242 -41.22 22.73 25.17
CA GLN B 242 -41.01 21.31 24.85
C GLN B 242 -39.79 20.70 25.55
N ILE B 243 -38.71 21.48 25.63
CA ILE B 243 -37.47 21.04 26.30
C ILE B 243 -37.63 20.89 27.82
N LEU B 244 -38.34 21.82 28.44
CA LEU B 244 -38.67 21.75 29.87
C LEU B 244 -39.48 20.49 30.19
N THR B 245 -40.45 20.19 29.33
CA THR B 245 -41.24 18.97 29.43
C THR B 245 -40.37 17.71 29.35
N MET B 246 -39.37 17.71 28.47
CA MET B 246 -38.42 16.59 28.33
C MET B 246 -37.64 16.38 29.60
N ILE B 247 -37.16 17.48 30.19
CA ILE B 247 -36.38 17.48 31.43
C ILE B 247 -37.22 16.97 32.62
N LYS B 248 -38.47 17.40 32.68
CA LYS B 248 -39.47 16.88 33.59
C LYS B 248 -39.87 15.44 33.40
N ASN B 249 -39.98 15.01 32.16
CA ASN B 249 -40.52 13.66 31.83
C ASN B 249 -39.54 12.56 31.49
N GLU B 250 -38.49 12.87 30.72
CA GLU B 250 -37.67 11.82 30.11
C GLU B 250 -36.41 11.48 30.91
N ARG B 251 -36.36 11.96 32.17
CA ARG B 251 -35.21 11.80 33.07
CA ARG B 251 -35.22 11.73 33.06
C ARG B 251 -33.87 12.13 32.43
N ILE B 252 -33.73 13.40 32.07
CA ILE B 252 -32.53 13.92 31.41
C ILE B 252 -31.49 14.25 32.47
N THR B 253 -30.25 13.80 32.25
CA THR B 253 -29.17 14.06 33.19
C THR B 253 -28.23 15.18 32.74
N HIS B 254 -28.02 15.31 31.43
CA HIS B 254 -27.06 16.28 30.90
C HIS B 254 -27.69 17.12 29.82
N ILE B 255 -27.29 18.39 29.74
CA ILE B 255 -27.74 19.25 28.66
C ILE B 255 -26.59 20.21 28.30
N SER B 256 -26.48 20.55 27.02
CA SER B 256 -25.57 21.58 26.52
C SER B 256 -26.39 22.78 26.01
N LEU B 257 -26.17 23.95 26.59
CA LEU B 257 -26.92 25.13 26.18
C LEU B 257 -25.97 26.30 25.94
N VAL B 258 -26.49 27.39 25.39
CA VAL B 258 -25.82 28.69 25.54
C VAL B 258 -26.54 29.41 26.70
N PRO B 259 -25.87 30.39 27.38
CA PRO B 259 -26.51 31.19 28.44
C PRO B 259 -27.90 31.74 28.12
N GLN B 260 -28.08 32.23 26.90
CA GLN B 260 -29.34 32.76 26.38
C GLN B 260 -30.47 31.74 26.47
N THR B 261 -30.21 30.51 26.05
CA THR B 261 -31.19 29.43 26.13
C THR B 261 -31.36 28.83 27.54
N LEU B 262 -30.35 28.93 28.40
CA LEU B 262 -30.54 28.60 29.82
C LEU B 262 -31.55 29.56 30.45
N ASN B 263 -31.31 30.84 30.21
CA ASN B 263 -32.15 31.92 30.70
C ASN B 263 -33.62 31.74 30.31
N TRP B 264 -33.88 31.42 29.05
CA TRP B 264 -35.23 31.15 28.57
C TRP B 264 -35.89 29.91 29.19
N LEU B 265 -35.07 28.92 29.52
CA LEU B 265 -35.56 27.71 30.17
C LEU B 265 -35.98 28.01 31.60
N MET B 266 -35.13 28.77 32.31
CA MET B 266 -35.43 29.19 33.67
C MET B 266 -36.75 29.99 33.73
N GLN B 267 -36.91 30.96 32.82
CA GLN B 267 -38.14 31.76 32.71
C GLN B 267 -39.38 30.94 32.37
N GLN B 268 -39.20 29.87 31.62
CA GLN B 268 -40.29 28.94 31.35
C GLN B 268 -40.67 28.05 32.55
N GLY B 269 -39.77 27.90 33.52
CA GLY B 269 -40.10 27.14 34.72
C GLY B 269 -39.05 26.18 35.23
N LEU B 270 -37.82 26.30 34.71
CA LEU B 270 -36.71 25.52 35.24
C LEU B 270 -36.15 26.23 36.47
N HIS B 271 -36.80 26.00 37.61
CA HIS B 271 -36.36 26.55 38.88
C HIS B 271 -35.98 25.43 39.82
N GLU B 272 -35.64 24.29 39.25
CA GLU B 272 -35.37 23.08 39.99
C GLU B 272 -34.58 22.22 39.03
N PRO B 273 -33.54 21.51 39.52
CA PRO B 273 -32.75 20.61 38.67
C PRO B 273 -33.49 19.40 38.08
N TYR B 274 -34.52 18.90 38.77
CA TYR B 274 -35.12 17.58 38.50
C TYR B 274 -34.04 16.51 38.47
N ASN B 275 -33.99 15.72 37.41
CA ASN B 275 -32.95 14.70 37.26
C ASN B 275 -31.62 15.19 36.65
N LEU B 276 -31.46 16.49 36.43
CA LEU B 276 -30.23 17.02 35.83
C LEU B 276 -29.01 16.93 36.73
N GLN B 277 -27.94 16.37 36.17
CA GLN B 277 -26.66 16.30 36.82
C GLN B 277 -25.74 17.42 36.39
N LYS B 278 -25.80 17.80 35.11
CA LYS B 278 -24.87 18.78 34.52
C LYS B 278 -25.52 19.61 33.41
N ILE B 279 -25.34 20.93 33.49
CA ILE B 279 -25.73 21.83 32.41
C ILE B 279 -24.44 22.45 31.88
N LEU B 280 -23.97 21.98 30.73
CA LEU B 280 -22.76 22.51 30.13
C LEU B 280 -23.11 23.74 29.31
N LEU B 281 -22.63 24.90 29.74
CA LEU B 281 -22.78 26.14 28.99
C LEU B 281 -21.49 26.45 28.25
N GLY B 282 -21.58 27.24 27.19
CA GLY B 282 -20.40 27.72 26.45
C GLY B 282 -20.84 28.68 25.35
N GLY B 283 -19.87 29.40 24.77
CA GLY B 283 -20.11 30.16 23.55
C GLY B 283 -20.53 31.62 23.64
N ALA B 284 -20.77 32.12 24.85
CA ALA B 284 -21.24 33.49 25.07
C ALA B 284 -20.98 33.90 26.51
N LYS B 285 -21.02 35.21 26.77
CA LYS B 285 -20.81 35.76 28.11
CA LYS B 285 -20.80 35.76 28.11
C LYS B 285 -21.86 35.26 29.10
N LEU B 286 -21.41 34.92 30.30
CA LEU B 286 -22.26 34.46 31.40
C LEU B 286 -22.21 35.52 32.47
N SER B 287 -23.33 36.19 32.72
CA SER B 287 -23.38 37.25 33.72
C SER B 287 -23.45 36.68 35.12
N ALA B 288 -22.91 37.42 36.09
CA ALA B 288 -22.89 37.02 37.50
C ALA B 288 -24.28 36.83 38.09
N THR B 289 -25.22 37.65 37.64
CA THR B 289 -26.63 37.57 38.06
C THR B 289 -27.28 36.29 37.59
N MET B 290 -26.96 35.85 36.37
CA MET B 290 -27.47 34.57 35.86
C MET B 290 -26.89 33.36 36.60
N ILE B 291 -25.62 33.46 36.97
CA ILE B 291 -24.97 32.40 37.74
C ILE B 291 -25.63 32.28 39.11
N GLU B 292 -25.79 33.41 39.79
CA GLU B 292 -26.43 33.46 41.10
C GLU B 292 -27.88 32.98 41.09
N THR B 293 -28.62 33.35 40.05
CA THR B 293 -29.99 32.86 39.85
C THR B 293 -30.06 31.34 39.63
N ALA B 294 -29.15 30.80 38.84
CA ALA B 294 -29.12 29.35 38.58
C ALA B 294 -28.69 28.57 39.82
N LEU B 295 -27.70 29.11 40.54
CA LEU B 295 -27.23 28.51 41.76
C LEU B 295 -28.32 28.47 42.85
N GLN B 296 -29.09 29.56 42.99
CA GLN B 296 -30.21 29.61 43.95
CA GLN B 296 -30.21 29.61 43.95
C GLN B 296 -31.35 28.64 43.60
N TYR B 297 -31.39 28.18 42.35
CA TYR B 297 -32.36 27.17 41.90
C TYR B 297 -31.78 25.76 41.88
N ASN B 298 -30.58 25.63 42.46
CA ASN B 298 -29.84 24.36 42.54
CA ASN B 298 -29.84 24.35 42.54
C ASN B 298 -29.52 23.74 41.17
N LEU B 299 -29.35 24.61 40.17
CA LEU B 299 -29.01 24.17 38.84
C LEU B 299 -27.50 24.01 38.73
N PRO B 300 -27.04 22.81 38.34
CA PRO B 300 -25.62 22.47 38.31
C PRO B 300 -24.95 23.02 37.04
N ILE B 301 -24.70 24.32 37.03
CA ILE B 301 -24.23 24.98 35.81
C ILE B 301 -22.73 24.94 35.68
N TYR B 302 -22.27 24.50 34.51
CA TYR B 302 -20.86 24.55 34.14
C TYR B 302 -20.69 25.49 32.96
N ASN B 303 -19.75 26.42 33.07
CA ASN B 303 -19.30 27.18 31.92
C ASN B 303 -18.11 26.48 31.29
N SER B 304 -17.82 26.83 30.04
CA SER B 304 -16.75 26.20 29.30
C SER B 304 -16.23 27.11 28.21
N PHE B 305 -15.03 26.77 27.71
CA PHE B 305 -14.43 27.48 26.60
C PHE B 305 -13.68 26.49 25.72
N GLY B 306 -13.94 26.58 24.42
CA GLY B 306 -13.22 25.80 23.45
C GLY B 306 -13.50 26.32 22.06
N MET B 307 -12.99 25.61 21.06
CA MET B 307 -13.22 26.01 19.68
C MET B 307 -13.23 24.78 18.81
N THR B 308 -13.42 25.00 17.51
CA THR B 308 -13.42 23.95 16.48
C THR B 308 -12.06 23.23 16.40
N GLU B 309 -11.00 24.00 16.65
CA GLU B 309 -9.62 23.57 16.52
C GLU B 309 -9.17 22.72 17.68
N THR B 310 -9.88 22.83 18.80
CA THR B 310 -9.53 22.08 19.99
C THR B 310 -10.61 21.04 20.25
N CYS B 311 -11.45 20.83 19.23
CA CYS B 311 -12.47 19.74 19.21
C CYS B 311 -13.47 19.80 20.34
N SER B 312 -13.83 21.03 20.69
CA SER B 312 -14.73 21.47 21.77
C SER B 312 -13.95 22.02 22.95
N GLN B 313 -14.54 21.96 24.14
CA GLN B 313 -14.03 22.70 25.28
C GLN B 313 -12.71 22.17 25.83
N PHE B 314 -11.89 23.10 26.29
CA PHE B 314 -10.64 22.75 26.93
C PHE B 314 -10.52 23.48 28.25
N LEU B 315 -11.49 24.36 28.52
CA LEU B 315 -11.64 24.99 29.83
C LEU B 315 -13.04 24.72 30.36
N THR B 316 -13.16 24.38 31.65
CA THR B 316 -14.46 24.10 32.28
C THR B 316 -14.51 24.66 33.71
N ALA B 317 -15.56 25.44 33.98
CA ALA B 317 -15.80 25.99 35.31
C ALA B 317 -16.96 25.25 36.00
N THR B 318 -16.67 24.63 37.14
CA THR B 318 -17.70 23.94 37.97
C THR B 318 -18.62 24.97 38.65
N PRO B 319 -19.83 24.54 39.11
CA PRO B 319 -20.71 25.49 39.84
C PRO B 319 -20.02 26.23 40.98
N GLU B 320 -19.13 25.53 41.68
CA GLU B 320 -18.30 26.13 42.74
C GLU B 320 -17.35 27.22 42.25
N MET B 321 -16.66 26.99 41.13
CA MET B 321 -15.70 27.97 40.57
C MET B 321 -16.40 29.24 40.08
N LEU B 322 -17.62 29.07 39.58
CA LEU B 322 -18.41 30.18 39.06
C LEU B 322 -18.96 31.06 40.18
N HIS B 323 -19.24 30.43 41.32
CA HIS B 323 -19.63 31.12 42.54
C HIS B 323 -18.47 31.97 43.07
N ALA B 324 -17.26 31.42 43.01
CA ALA B 324 -16.05 32.11 43.45
C ALA B 324 -15.68 33.24 42.51
N ARG B 325 -15.53 32.92 41.22
CA ARG B 325 -15.16 33.90 40.20
C ARG B 325 -16.12 33.80 39.02
N PRO B 326 -17.21 34.59 39.03
CA PRO B 326 -18.25 34.59 37.98
C PRO B 326 -17.77 34.85 36.54
N ASP B 327 -16.58 35.42 36.38
CA ASP B 327 -16.06 35.77 35.05
C ASP B 327 -15.12 34.72 34.46
N THR B 328 -14.88 33.63 35.21
CA THR B 328 -14.02 32.56 34.73
C THR B 328 -14.70 31.66 33.67
N VAL B 329 -13.88 31.12 32.75
CA VAL B 329 -14.37 30.15 31.77
C VAL B 329 -13.90 28.76 32.16
N GLY B 330 -13.02 28.73 33.15
CA GLY B 330 -12.66 27.50 33.82
C GLY B 330 -11.19 27.24 33.95
N MET B 331 -10.89 26.01 34.37
CA MET B 331 -9.56 25.45 34.46
C MET B 331 -9.31 24.56 33.23
N PRO B 332 -8.05 24.45 32.78
CA PRO B 332 -7.71 23.48 31.73
C PRO B 332 -8.09 22.05 32.09
N SER B 333 -8.43 21.27 31.07
CA SER B 333 -8.52 19.83 31.23
C SER B 333 -7.14 19.23 31.58
N ALA B 334 -7.17 18.08 32.23
CA ALA B 334 -5.98 17.45 32.78
C ALA B 334 -5.02 16.95 31.71
N ASN B 335 -5.59 16.54 30.58
CA ASN B 335 -4.80 16.07 29.46
C ASN B 335 -4.46 17.16 28.43
N VAL B 336 -4.27 18.38 28.92
CA VAL B 336 -4.08 19.56 28.08
C VAL B 336 -2.97 20.43 28.69
N ASP B 337 -2.24 21.17 27.86
CA ASP B 337 -1.27 22.18 28.36
C ASP B 337 -1.71 23.57 27.89
N VAL B 338 -2.08 24.40 28.86
CA VAL B 338 -2.49 25.77 28.60
C VAL B 338 -1.43 26.71 29.19
N LYS B 339 -1.08 27.74 28.44
CA LYS B 339 -0.14 28.76 28.91
C LYS B 339 -0.47 30.14 28.35
N ILE B 340 0.07 31.19 28.96
CA ILE B 340 -0.09 32.55 28.44
C ILE B 340 1.22 33.00 27.80
N LYS B 341 1.13 33.52 26.57
CA LYS B 341 2.29 33.99 25.84
C LYS B 341 2.43 35.50 25.98
N ASN B 342 3.65 35.92 26.30
CA ASN B 342 4.03 37.31 26.60
C ASN B 342 3.03 37.98 27.56
N PRO B 343 3.00 37.54 28.84
CA PRO B 343 2.02 38.11 29.78
C PRO B 343 2.31 39.58 30.11
N ASN B 344 1.24 40.34 30.37
CA ASN B 344 1.29 41.71 30.87
C ASN B 344 1.94 41.85 32.24
N LYS B 345 1.93 43.09 32.75
CA LYS B 345 2.18 43.35 34.17
C LYS B 345 1.01 42.79 35.01
N GLU B 346 -0.19 42.81 34.42
CA GLU B 346 -1.39 42.25 35.05
CA GLU B 346 -1.39 42.25 35.05
C GLU B 346 -1.52 40.74 34.79
N GLY B 347 -0.65 40.20 33.94
CA GLY B 347 -0.62 38.77 33.62
C GLY B 347 -1.41 38.39 32.39
N HIS B 348 -1.90 39.40 31.67
CA HIS B 348 -2.73 39.26 30.48
C HIS B 348 -1.86 39.00 29.26
N GLY B 349 -2.20 37.97 28.50
CA GLY B 349 -1.47 37.68 27.27
C GLY B 349 -2.24 36.71 26.42
N GLU B 350 -1.58 36.20 25.39
CA GLU B 350 -2.27 35.36 24.41
C GLU B 350 -2.40 33.90 24.84
N LEU B 351 -3.62 33.38 24.77
CA LEU B 351 -3.96 32.05 25.25
C LEU B 351 -3.52 30.94 24.28
N MET B 352 -2.65 30.06 24.78
CA MET B 352 -1.98 29.02 23.99
C MET B 352 -2.41 27.67 24.49
N ILE B 353 -2.57 26.70 23.59
CA ILE B 353 -2.92 25.35 24.02
C ILE B 353 -2.25 24.24 23.22
N LYS B 354 -1.82 23.20 23.94
CA LYS B 354 -1.23 22.00 23.37
C LYS B 354 -1.93 20.77 23.98
N GLY B 355 -2.19 19.77 23.16
CA GLY B 355 -2.71 18.50 23.65
C GLY B 355 -3.28 17.68 22.50
N ALA B 356 -3.47 16.39 22.74
CA ALA B 356 -3.99 15.47 21.73
C ALA B 356 -5.40 15.80 21.18
N ASN B 357 -6.11 16.74 21.80
CA ASN B 357 -7.40 17.22 21.32
C ASN B 357 -7.27 18.29 20.25
N VAL B 358 -6.11 18.96 20.22
CA VAL B 358 -5.89 20.01 19.25
C VAL B 358 -5.74 19.40 17.84
N MET B 359 -6.40 20.04 16.86
CA MET B 359 -6.26 19.69 15.44
C MET B 359 -4.79 19.64 15.00
N ASN B 360 -4.50 18.90 13.92
CA ASN B 360 -3.12 18.77 13.44
C ASN B 360 -2.70 19.99 12.61
N GLY B 361 -3.69 20.77 12.19
CA GLY B 361 -3.50 21.99 11.44
C GLY B 361 -4.57 22.06 10.39
N TYR B 362 -4.92 23.27 9.95
CA TYR B 362 -5.95 23.43 8.92
C TYR B 362 -5.65 22.70 7.61
N LEU B 363 -6.71 22.21 6.97
CA LEU B 363 -6.64 21.66 5.64
C LEU B 363 -6.62 22.78 4.61
N TYR B 364 -7.37 23.83 4.91
CA TYR B 364 -7.54 24.95 4.02
C TYR B 364 -7.73 26.19 4.87
N PRO B 365 -7.24 27.35 4.42
CA PRO B 365 -6.30 27.58 3.32
C PRO B 365 -4.86 27.24 3.70
N THR B 366 -3.96 27.55 2.77
CA THR B 366 -2.54 27.28 2.95
C THR B 366 -1.77 28.55 3.31
N ASP B 367 -2.33 29.69 2.89
CA ASP B 367 -1.72 31.03 3.02
C ASP B 367 -1.33 31.44 4.44
N LEU B 368 -2.20 31.13 5.40
CA LEU B 368 -2.12 31.59 6.80
C LEU B 368 -0.78 31.40 7.51
N THR B 369 -0.51 32.28 8.49
CA THR B 369 0.81 32.32 9.12
C THR B 369 0.81 32.20 10.65
N GLY B 370 1.85 31.53 11.15
CA GLY B 370 2.12 31.38 12.59
C GLY B 370 1.06 30.69 13.44
N THR B 371 0.46 29.65 12.89
CA THR B 371 -0.66 28.94 13.53
C THR B 371 -0.24 28.27 14.86
N PHE B 372 0.97 27.70 14.85
CA PHE B 372 1.51 26.96 15.98
C PHE B 372 2.87 27.53 16.37
N GLU B 373 3.11 27.60 17.69
CA GLU B 373 4.38 28.04 18.23
C GLU B 373 4.84 27.00 19.23
N ASN B 374 5.92 26.29 18.89
CA ASN B 374 6.43 25.15 19.66
C ASN B 374 5.35 24.11 19.97
N GLY B 375 4.50 23.84 18.98
CA GLY B 375 3.41 22.89 19.12
C GLY B 375 2.12 23.43 19.71
N TYR B 376 2.19 24.63 20.32
CA TYR B 376 1.05 25.28 20.96
C TYR B 376 0.17 26.01 19.96
N PHE B 377 -1.14 25.77 20.06
CA PHE B 377 -2.09 26.50 19.24
C PHE B 377 -2.40 27.87 19.85
N ASN B 378 -2.34 28.91 19.01
CA ASN B 378 -2.72 30.24 19.44
C ASN B 378 -4.19 30.41 19.18
N THR B 379 -4.97 30.42 20.25
CA THR B 379 -6.43 30.58 20.17
C THR B 379 -6.88 31.92 19.56
N GLY B 380 -5.98 32.91 19.58
CA GLY B 380 -6.33 34.26 19.15
C GLY B 380 -6.85 35.13 20.28
N ASP B 381 -6.99 34.54 21.46
CA ASP B 381 -7.62 35.19 22.60
C ASP B 381 -6.58 35.67 23.60
N ILE B 382 -6.90 36.81 24.22
CA ILE B 382 -6.14 37.37 25.32
C ILE B 382 -6.79 36.91 26.65
N ALA B 383 -5.97 36.36 27.55
CA ALA B 383 -6.47 35.76 28.79
C ALA B 383 -5.48 35.93 29.94
N GLU B 384 -5.93 35.68 31.17
CA GLU B 384 -5.00 35.48 32.28
C GLU B 384 -5.29 34.19 33.02
N ILE B 385 -4.24 33.59 33.59
CA ILE B 385 -4.39 32.41 34.46
C ILE B 385 -3.94 32.77 35.88
N ASP B 386 -4.82 32.53 36.86
CA ASP B 386 -4.47 32.78 38.25
C ASP B 386 -3.76 31.59 38.95
N HIS B 387 -3.55 31.67 40.27
CA HIS B 387 -2.76 30.69 41.02
C HIS B 387 -3.48 29.33 41.18
N GLU B 388 -4.79 29.32 40.96
CA GLU B 388 -5.55 28.07 40.97
C GLU B 388 -5.77 27.52 39.56
N GLY B 389 -5.33 28.28 38.56
CA GLY B 389 -5.48 27.84 37.18
C GLY B 389 -6.77 28.25 36.50
N TYR B 390 -7.52 29.15 37.12
CA TYR B 390 -8.73 29.72 36.52
C TYR B 390 -8.33 30.60 35.36
N VAL B 391 -9.07 30.52 34.26
CA VAL B 391 -8.80 31.35 33.09
C VAL B 391 -9.92 32.35 32.95
N MET B 392 -9.55 33.62 32.83
CA MET B 392 -10.49 34.68 32.57
C MET B 392 -10.08 35.21 31.19
N ILE B 393 -11.07 35.35 30.31
CA ILE B 393 -10.84 35.83 28.96
C ILE B 393 -11.29 37.27 28.82
N TYR B 394 -10.48 38.08 28.14
CA TYR B 394 -10.73 39.50 27.96
C TYR B 394 -10.96 39.85 26.51
N ASP B 395 -12.21 40.18 26.18
CA ASP B 395 -12.55 40.65 24.84
C ASP B 395 -12.09 42.10 24.69
N ARG B 396 -11.23 42.33 23.70
CA ARG B 396 -10.66 43.66 23.50
C ARG B 396 -10.88 44.15 22.06
N ARG B 397 -11.84 43.54 21.37
CA ARG B 397 -12.09 43.84 19.95
C ARG B 397 -12.74 45.21 19.65
N LYS B 398 -12.91 46.04 20.67
CA LYS B 398 -13.61 47.33 20.55
C LYS B 398 -12.87 48.43 19.77
N ASP B 399 -13.60 49.53 19.52
CA ASP B 399 -13.22 50.70 18.68
C ASP B 399 -12.29 50.44 17.49
N LEU B 400 -12.73 49.53 16.61
CA LEU B 400 -11.90 49.09 15.49
C LEU B 400 -11.92 50.04 14.28
N ILE B 401 -10.72 50.26 13.74
CA ILE B 401 -10.52 51.06 12.55
C ILE B 401 -10.74 50.17 11.32
N ILE B 402 -11.51 50.64 10.35
CA ILE B 402 -11.76 49.87 9.14
C ILE B 402 -10.81 50.32 8.02
N SER B 403 -9.94 49.42 7.58
CA SER B 403 -8.96 49.70 6.52
C SER B 403 -9.16 48.77 5.34
N GLY B 404 -9.73 49.31 4.26
CA GLY B 404 -10.00 48.57 3.03
C GLY B 404 -10.79 47.29 3.24
N GLY B 405 -11.86 47.39 4.04
CA GLY B 405 -12.69 46.25 4.40
C GLY B 405 -12.23 45.53 5.67
N GLU B 406 -10.90 45.51 5.89
CA GLU B 406 -10.29 44.74 6.98
C GLU B 406 -10.41 45.41 8.35
N ASN B 407 -10.19 44.60 9.39
CA ASN B 407 -10.35 45.01 10.78
C ASN B 407 -9.01 45.30 11.45
N ILE B 408 -8.87 46.53 11.95
CA ILE B 408 -7.70 46.95 12.71
C ILE B 408 -8.13 47.22 14.15
N TYR B 409 -7.86 46.29 15.05
CA TYR B 409 -8.07 46.53 16.48
C TYR B 409 -6.85 47.29 17.02
N PRO B 410 -7.06 48.54 17.50
CA PRO B 410 -5.98 49.39 18.00
C PRO B 410 -5.16 48.79 19.14
N TYR B 411 -5.79 48.01 20.02
CA TYR B 411 -5.12 47.40 21.18
C TYR B 411 -4.00 46.44 20.79
N GLN B 412 -4.17 45.73 19.68
CA GLN B 412 -3.14 44.82 19.15
C GLN B 412 -1.90 45.59 18.73
N ILE B 413 -2.10 46.80 18.22
CA ILE B 413 -1.03 47.70 17.77
C ILE B 413 -0.40 48.38 18.99
N GLU B 414 -1.26 48.84 19.90
CA GLU B 414 -0.84 49.51 21.14
C GLU B 414 -0.05 48.61 22.10
N THR B 415 -0.34 47.30 22.08
CA THR B 415 0.38 46.31 22.90
C THR B 415 1.83 46.19 22.42
N VAL B 416 2.00 46.00 21.11
CA VAL B 416 3.30 45.83 20.49
C VAL B 416 4.13 47.12 20.56
N ALA B 417 3.47 48.27 20.42
CA ALA B 417 4.14 49.57 20.49
C ALA B 417 4.68 49.90 21.88
N LYS B 418 3.92 49.57 22.92
CA LYS B 418 4.31 49.79 24.33
C LYS B 418 5.50 48.93 24.75
N GLN B 419 5.68 47.80 24.06
CA GLN B 419 6.79 46.88 24.28
C GLN B 419 8.11 47.44 23.76
N PHE B 420 8.06 48.25 22.70
CA PHE B 420 9.26 48.82 22.08
C PHE B 420 10.08 49.65 23.08
N PRO B 421 11.41 49.42 23.13
CA PRO B 421 12.33 50.13 24.03
C PRO B 421 12.30 51.65 23.89
N GLY B 422 11.95 52.32 24.98
CA GLY B 422 11.89 53.78 25.03
C GLY B 422 10.48 54.35 25.04
N ILE B 423 9.51 53.51 24.66
CA ILE B 423 8.12 53.92 24.56
C ILE B 423 7.34 53.63 25.86
N SER B 424 6.86 54.71 26.48
CA SER B 424 6.14 54.64 27.76
C SER B 424 4.64 54.42 27.57
N ASP B 425 4.05 55.12 26.61
CA ASP B 425 2.63 54.97 26.28
C ASP B 425 2.38 55.24 24.80
N ALA B 426 1.42 54.51 24.23
CA ALA B 426 1.05 54.67 22.83
C ALA B 426 -0.43 54.40 22.58
N VAL B 427 -1.03 55.22 21.72
CA VAL B 427 -2.43 55.05 21.31
C VAL B 427 -2.60 55.11 19.79
N CYS B 428 -3.32 54.14 19.25
CA CYS B 428 -3.55 54.01 17.82
C CYS B 428 -4.96 54.47 17.41
N VAL B 429 -5.03 55.53 16.62
CA VAL B 429 -6.32 56.08 16.16
C VAL B 429 -6.54 55.96 14.66
N GLY B 430 -7.79 56.06 14.24
CA GLY B 430 -8.15 56.03 12.83
C GLY B 430 -7.92 57.35 12.13
N HIS B 431 -6.84 57.44 11.37
CA HIS B 431 -6.50 58.63 10.59
C HIS B 431 -7.29 58.66 9.29
N PRO B 432 -7.93 59.81 8.97
CA PRO B 432 -8.71 60.00 7.74
C PRO B 432 -7.90 59.76 6.46
N ASP B 433 -8.33 58.78 5.67
CA ASP B 433 -7.67 58.44 4.41
C ASP B 433 -8.67 58.59 3.25
N ASP B 434 -8.15 58.47 2.03
CA ASP B 434 -8.98 58.51 0.82
C ASP B 434 -8.59 57.43 -0.19
N THR B 435 -7.76 56.49 0.24
CA THR B 435 -7.35 55.34 -0.60
C THR B 435 -7.80 54.01 0.05
N TRP B 436 -7.61 53.89 1.36
CA TRP B 436 -8.04 52.71 2.11
C TRP B 436 -9.31 52.98 2.93
N GLY B 437 -9.79 54.22 2.87
CA GLY B 437 -10.91 54.68 3.69
C GLY B 437 -10.38 55.29 4.98
N GLN B 438 -9.78 54.44 5.80
CA GLN B 438 -9.05 54.88 6.98
C GLN B 438 -7.70 54.17 7.08
N VAL B 439 -6.71 54.89 7.60
CA VAL B 439 -5.40 54.33 7.93
C VAL B 439 -5.14 54.40 9.45
N PRO B 440 -4.44 53.40 10.01
CA PRO B 440 -4.02 53.52 11.41
C PRO B 440 -2.89 54.53 11.59
N LYS B 441 -2.98 55.36 12.63
CA LYS B 441 -1.91 56.28 13.01
C LYS B 441 -1.51 56.07 14.47
N LEU B 442 -0.23 55.82 14.68
CA LEU B 442 0.31 55.61 16.02
C LEU B 442 0.83 56.91 16.63
N TYR B 443 0.24 57.29 17.75
CA TYR B 443 0.75 58.37 18.59
C TYR B 443 1.46 57.73 19.77
N PHE B 444 2.72 58.09 19.98
CA PHE B 444 3.51 57.49 21.06
C PHE B 444 4.23 58.53 21.92
N VAL B 445 4.31 58.23 23.21
CA VAL B 445 5.07 59.04 24.16
C VAL B 445 6.38 58.33 24.49
N SER B 446 7.49 59.03 24.27
CA SER B 446 8.81 58.45 24.50
C SER B 446 9.77 59.36 25.28
N GLU B 447 10.51 58.74 26.19
CA GLU B 447 11.63 59.38 26.87
C GLU B 447 12.86 59.45 25.92
N SER B 448 13.15 58.34 25.27
N SER B 448 13.16 58.33 25.28
CA SER B 448 14.35 58.19 24.44
CA SER B 448 14.35 58.15 24.45
C SER B 448 14.22 58.80 23.05
C SER B 448 14.18 58.71 23.03
N ASP B 449 15.26 58.63 22.24
CA ASP B 449 15.29 59.11 20.86
C ASP B 449 14.92 57.98 19.88
N ILE B 450 13.63 57.88 19.55
CA ILE B 450 13.08 56.74 18.77
C ILE B 450 13.40 56.75 17.27
N SER B 451 13.94 55.63 16.80
CA SER B 451 14.15 55.36 15.37
C SER B 451 12.87 54.81 14.75
N LYS B 452 12.34 55.55 13.78
CA LYS B 452 11.09 55.22 13.08
C LYS B 452 11.18 53.88 12.36
N ALA B 453 12.31 53.65 11.67
CA ALA B 453 12.56 52.40 10.94
C ALA B 453 12.63 51.16 11.85
N GLN B 454 13.25 51.31 13.02
CA GLN B 454 13.33 50.24 14.03
C GLN B 454 11.96 49.94 14.62
N LEU B 455 11.17 50.98 14.88
CA LEU B 455 9.79 50.83 15.33
C LEU B 455 8.90 50.15 14.28
N ILE B 456 9.00 50.58 13.03
CA ILE B 456 8.29 49.93 11.92
C ILE B 456 8.64 48.44 11.83
N ALA B 457 9.94 48.15 11.78
CA ALA B 457 10.45 46.78 11.68
C ALA B 457 10.00 45.89 12.85
N TYR B 458 9.85 46.49 14.03
CA TYR B 458 9.40 45.81 15.22
C TYR B 458 7.92 45.44 15.08
N LEU B 459 7.12 46.43 14.68
CA LEU B 459 5.68 46.28 14.40
C LEU B 459 5.38 45.23 13.35
N SER B 460 6.23 45.17 12.32
CA SER B 460 6.10 44.18 11.26
C SER B 460 6.35 42.75 11.77
N LYS B 461 7.23 42.62 12.76
CA LYS B 461 7.56 41.33 13.37
C LYS B 461 6.45 40.72 14.22
N HIS B 462 5.68 41.56 14.92
CA HIS B 462 4.69 41.08 15.87
C HIS B 462 3.23 41.23 15.41
N LEU B 463 3.03 41.71 14.18
CA LEU B 463 1.70 41.88 13.60
C LEU B 463 1.64 41.37 12.16
N ALA B 464 0.44 41.40 11.58
CA ALA B 464 0.26 41.21 10.14
C ALA B 464 0.40 42.58 9.46
N LYS B 465 0.82 42.57 8.19
CA LYS B 465 1.21 43.79 7.44
C LYS B 465 0.16 44.91 7.41
N TYR B 466 -1.11 44.54 7.22
CA TYR B 466 -2.22 45.51 7.12
C TYR B 466 -2.51 46.23 8.45
N LYS B 467 -2.20 45.57 9.57
CA LYS B 467 -2.35 46.16 10.90
C LYS B 467 -1.28 47.22 11.19
N VAL B 468 -0.10 47.02 10.60
CA VAL B 468 1.07 47.88 10.84
C VAL B 468 0.81 49.31 10.32
N PRO B 469 0.89 50.31 11.23
CA PRO B 469 0.65 51.71 10.90
C PRO B 469 1.65 52.27 9.91
N LYS B 470 1.20 53.24 9.11
CA LYS B 470 2.09 53.95 8.18
C LYS B 470 2.34 55.37 8.66
N HIS B 471 1.58 55.81 9.67
CA HIS B 471 1.72 57.15 10.22
C HIS B 471 2.12 57.13 11.69
N PHE B 472 3.17 57.88 12.02
CA PHE B 472 3.75 57.93 13.36
C PHE B 472 4.00 59.36 13.81
N GLU B 473 3.65 59.65 15.06
CA GLU B 473 3.93 60.97 15.63
C GLU B 473 4.38 60.90 17.08
N LYS B 474 5.45 61.61 17.39
CA LYS B 474 6.01 61.68 18.73
C LYS B 474 5.36 62.83 19.51
N VAL B 475 4.52 62.49 20.49
CA VAL B 475 3.89 63.50 21.35
C VAL B 475 4.52 63.56 22.74
N ASP B 476 4.73 64.79 23.23
CA ASP B 476 5.36 65.03 24.53
C ASP B 476 4.37 64.85 25.68
N THR B 477 3.20 65.45 25.52
CA THR B 477 2.18 65.48 26.56
C THR B 477 0.97 64.63 26.16
N LEU C 3 22.94 -49.06 -28.94
CA LEU C 3 24.26 -49.36 -29.55
C LEU C 3 24.91 -48.09 -30.11
N ASP C 4 24.21 -47.38 -30.99
CA ASP C 4 24.69 -46.11 -31.53
C ASP C 4 24.36 -44.90 -30.65
N PHE C 5 25.25 -43.91 -30.67
CA PHE C 5 24.99 -42.60 -30.05
C PHE C 5 23.74 -41.99 -30.65
N TRP C 6 22.89 -41.44 -29.78
CA TRP C 6 21.62 -40.85 -30.19
C TRP C 6 21.83 -39.71 -31.19
N LEU C 7 22.84 -38.89 -30.94
CA LEU C 7 23.16 -37.80 -31.83
C LEU C 7 23.67 -38.32 -33.17
N TYR C 8 24.48 -39.39 -33.13
CA TYR C 8 24.95 -40.03 -34.35
C TYR C 8 23.78 -40.53 -35.18
N LYS C 9 22.87 -41.27 -34.53
CA LYS C 9 21.64 -41.75 -35.14
C LYS C 9 20.84 -40.64 -35.83
N GLN C 10 20.79 -39.47 -35.20
CA GLN C 10 20.07 -38.33 -35.76
C GLN C 10 20.78 -37.67 -36.94
N ALA C 11 22.11 -37.73 -36.94
CA ALA C 11 22.89 -37.22 -38.08
C ALA C 11 22.68 -38.07 -39.35
N GLN C 12 22.43 -39.36 -39.15
CA GLN C 12 22.30 -40.31 -40.24
C GLN C 12 20.94 -40.23 -40.92
N GLN C 13 19.87 -40.38 -40.15
CA GLN C 13 18.53 -40.53 -40.72
C GLN C 13 17.65 -39.29 -40.61
N ASN C 14 18.24 -38.18 -40.17
CA ASN C 14 17.48 -36.95 -39.89
C ASN C 14 18.40 -35.74 -39.99
N GLY C 15 19.43 -35.86 -40.82
CA GLY C 15 20.53 -34.90 -40.91
C GLY C 15 20.21 -33.44 -41.19
N HIS C 16 19.15 -33.18 -41.95
CA HIS C 16 18.79 -31.80 -42.32
C HIS C 16 17.82 -31.13 -41.34
N HIS C 17 17.24 -31.93 -40.45
CA HIS C 17 16.29 -31.45 -39.43
C HIS C 17 17.00 -30.54 -38.42
N ILE C 18 16.30 -29.51 -37.96
CA ILE C 18 16.83 -28.55 -36.99
C ILE C 18 16.90 -29.18 -35.58
N ALA C 19 18.09 -29.09 -34.98
CA ALA C 19 18.36 -29.65 -33.66
C ALA C 19 18.11 -28.61 -32.58
N ILE C 20 18.77 -27.46 -32.73
CA ILE C 20 18.71 -26.36 -31.78
C ILE C 20 18.67 -25.04 -32.53
N THR C 21 17.89 -24.12 -32.00
CA THR C 21 17.87 -22.74 -32.48
C THR C 21 17.85 -21.75 -31.32
N ASP C 22 18.39 -20.56 -31.53
CA ASP C 22 18.37 -19.51 -30.51
C ASP C 22 17.81 -18.17 -31.05
N GLY C 23 17.10 -18.24 -32.16
CA GLY C 23 16.61 -17.05 -32.86
C GLY C 23 17.60 -16.57 -33.90
N GLN C 24 18.74 -16.06 -33.44
CA GLN C 24 19.80 -15.54 -34.31
C GLN C 24 20.47 -16.62 -35.18
N GLU C 25 20.70 -17.80 -34.60
CA GLU C 25 21.27 -18.91 -35.36
C GLU C 25 20.62 -20.28 -35.06
N SER C 26 20.75 -21.20 -36.01
CA SER C 26 20.21 -22.55 -35.87
C SER C 26 21.18 -23.64 -36.34
N TYR C 27 21.03 -24.83 -35.78
CA TYR C 27 21.88 -25.99 -36.07
C TYR C 27 21.01 -27.17 -36.47
N THR C 28 21.38 -27.81 -37.57
CA THR C 28 20.79 -29.07 -37.97
C THR C 28 21.42 -30.19 -37.14
N TYR C 29 20.84 -31.39 -37.18
CA TYR C 29 21.41 -32.53 -36.48
C TYR C 29 22.75 -32.99 -37.02
N GLN C 30 22.97 -32.82 -38.32
CA GLN C 30 24.29 -33.05 -38.94
C GLN C 30 25.33 -31.99 -38.53
N ASN C 31 24.91 -30.72 -38.48
CA ASN C 31 25.75 -29.62 -37.96
C ASN C 31 26.18 -29.85 -36.51
N LEU C 32 25.21 -30.26 -35.69
CA LEU C 32 25.44 -30.47 -34.26
C LEU C 32 26.42 -31.62 -34.06
N TYR C 33 26.16 -32.75 -34.71
CA TYR C 33 27.00 -33.94 -34.55
C TYR C 33 28.45 -33.66 -34.96
N CYS C 34 28.61 -33.00 -36.11
CA CYS C 34 29.91 -32.56 -36.59
C CYS C 34 30.70 -31.83 -35.53
N GLU C 35 30.17 -30.68 -35.13
CA GLU C 35 30.83 -29.76 -34.22
C GLU C 35 31.08 -30.38 -32.85
N ALA C 36 30.09 -31.11 -32.33
CA ALA C 36 30.21 -31.85 -31.08
C ALA C 36 31.25 -32.99 -31.15
N SER C 37 31.33 -33.69 -32.29
CA SER C 37 32.38 -34.71 -32.52
C SER C 37 33.77 -34.11 -32.52
N LEU C 38 33.90 -32.97 -33.20
CA LEU C 38 35.15 -32.23 -33.29
C LEU C 38 35.61 -31.77 -31.93
N LEU C 39 34.67 -31.29 -31.13
CA LEU C 39 34.92 -30.86 -29.76
C LEU C 39 35.21 -32.03 -28.82
N ALA C 40 34.52 -33.15 -29.03
CA ALA C 40 34.68 -34.37 -28.22
C ALA C 40 36.09 -34.94 -28.22
N LYS C 41 36.76 -34.84 -29.38
CA LYS C 41 38.14 -35.29 -29.56
C LYS C 41 39.09 -34.43 -28.71
N ARG C 42 38.86 -33.12 -28.73
CA ARG C 42 39.62 -32.17 -27.92
C ARG C 42 39.36 -32.35 -26.42
N LEU C 43 38.12 -32.70 -26.07
CA LEU C 43 37.73 -32.92 -24.68
C LEU C 43 38.37 -34.16 -24.08
N LYS C 44 38.44 -35.23 -24.88
CA LYS C 44 39.00 -36.53 -24.47
C LYS C 44 40.48 -36.42 -24.07
N ALA C 45 41.18 -35.48 -24.70
CA ALA C 45 42.60 -35.24 -24.48
C ALA C 45 42.99 -34.85 -23.06
N TYR C 46 42.03 -34.39 -22.26
CA TYR C 46 42.26 -34.01 -20.86
C TYR C 46 42.29 -35.20 -19.91
N GLN C 47 41.80 -36.35 -20.37
CA GLN C 47 41.79 -37.63 -19.63
C GLN C 47 41.13 -37.59 -18.24
N GLN C 48 40.02 -36.86 -18.15
CA GLN C 48 39.15 -36.87 -16.97
C GLN C 48 37.85 -37.50 -17.41
N SER C 49 37.45 -38.55 -16.70
CA SER C 49 36.27 -39.31 -17.08
C SER C 49 35.00 -38.57 -16.61
N ARG C 50 35.19 -37.63 -15.71
CA ARG C 50 34.08 -36.92 -15.10
C ARG C 50 34.51 -35.49 -14.82
N VAL C 51 33.75 -34.54 -15.36
CA VAL C 51 34.09 -33.12 -15.26
C VAL C 51 32.91 -32.28 -14.78
N GLY C 52 33.22 -31.09 -14.30
CA GLY C 52 32.24 -30.08 -13.98
C GLY C 52 31.95 -29.25 -15.20
N LEU C 53 30.72 -28.78 -15.29
CA LEU C 53 30.27 -27.89 -16.35
C LEU C 53 29.62 -26.66 -15.74
N TYR C 54 30.19 -25.49 -16.02
CA TYR C 54 29.64 -24.20 -15.62
C TYR C 54 29.08 -23.51 -16.86
N ILE C 55 27.81 -23.69 -17.11
CA ILE C 55 27.23 -23.28 -18.38
C ILE C 55 25.97 -22.46 -18.21
N ASP C 56 25.43 -22.01 -19.33
CA ASP C 56 24.19 -21.27 -19.35
C ASP C 56 23.27 -21.86 -20.43
N ASN C 57 22.12 -21.24 -20.65
CA ASN C 57 21.18 -21.66 -21.68
C ASN C 57 21.61 -21.11 -23.02
N SER C 58 22.55 -21.79 -23.68
CA SER C 58 23.05 -21.33 -24.98
C SER C 58 23.36 -22.48 -25.91
N ILE C 59 23.43 -22.18 -27.20
CA ILE C 59 23.84 -23.11 -28.26
C ILE C 59 25.15 -23.79 -27.88
N GLN C 60 26.17 -22.97 -27.58
CA GLN C 60 27.53 -23.44 -27.29
C GLN C 60 27.61 -24.39 -26.09
N SER C 61 26.76 -24.16 -25.11
N SER C 61 26.75 -24.15 -25.12
CA SER C 61 26.63 -25.02 -23.95
CA SER C 61 26.62 -24.99 -23.95
C SER C 61 26.04 -26.37 -24.32
C SER C 61 26.00 -26.36 -24.30
N ILE C 62 25.09 -26.36 -25.26
CA ILE C 62 24.48 -27.60 -25.77
C ILE C 62 25.46 -28.37 -26.66
N ILE C 63 26.24 -27.65 -27.47
CA ILE C 63 27.41 -28.24 -28.15
C ILE C 63 28.31 -28.93 -27.13
N LEU C 64 28.68 -28.22 -26.06
CA LEU C 64 29.54 -28.74 -24.99
C LEU C 64 28.98 -29.96 -24.25
N ILE C 65 27.67 -29.96 -23.98
CA ILE C 65 26.99 -31.08 -23.33
C ILE C 65 27.07 -32.35 -24.20
N HIS C 66 26.71 -32.20 -25.47
CA HIS C 66 26.68 -33.30 -26.44
C HIS C 66 28.05 -33.89 -26.71
N ALA C 67 29.06 -33.01 -26.81
CA ALA C 67 30.47 -33.39 -26.95
C ALA C 67 30.99 -34.22 -25.78
N CYS C 68 30.58 -33.87 -24.57
CA CYS C 68 30.97 -34.62 -23.39
C CYS C 68 30.45 -36.04 -23.46
N TRP C 69 29.21 -36.17 -23.93
CA TRP C 69 28.56 -37.47 -24.03
C TRP C 69 29.19 -38.36 -25.10
N LEU C 70 29.51 -37.77 -26.25
CA LEU C 70 30.24 -38.46 -27.31
C LEU C 70 31.65 -38.90 -26.91
N ALA C 71 32.24 -38.22 -25.93
CA ALA C 71 33.61 -38.53 -25.47
C ALA C 71 33.62 -39.44 -24.25
N ASN C 72 32.46 -39.97 -23.88
CA ASN C 72 32.28 -40.80 -22.68
C ASN C 72 32.66 -40.09 -21.38
N ILE C 73 32.32 -38.81 -21.27
CA ILE C 73 32.53 -38.04 -20.05
C ILE C 73 31.21 -37.81 -19.31
N GLU C 74 31.21 -38.14 -18.02
CA GLU C 74 30.11 -37.83 -17.11
C GLU C 74 30.18 -36.35 -16.76
N ILE C 75 29.05 -35.66 -16.84
CA ILE C 75 29.01 -34.24 -16.50
C ILE C 75 28.37 -33.98 -15.15
N ALA C 76 29.07 -33.18 -14.35
CA ALA C 76 28.51 -32.66 -13.12
C ALA C 76 28.03 -31.24 -13.44
N MET C 77 26.72 -31.07 -13.32
CA MET C 77 26.06 -29.81 -13.63
C MET C 77 26.17 -28.87 -12.44
N ILE C 78 26.73 -27.70 -12.67
CA ILE C 78 26.93 -26.74 -11.60
C ILE C 78 25.79 -25.73 -11.59
N ASN C 79 25.07 -25.68 -10.47
CA ASN C 79 24.16 -24.57 -10.18
C ASN C 79 24.91 -23.23 -10.17
N THR C 80 24.54 -22.38 -11.11
CA THR C 80 25.13 -21.06 -11.32
C THR C 80 24.85 -20.09 -10.14
N ARG C 81 23.78 -20.37 -9.40
CA ARG C 81 23.36 -19.55 -8.26
C ARG C 81 24.04 -19.93 -6.94
N LEU C 82 24.88 -20.95 -6.97
CA LEU C 82 25.60 -21.39 -5.76
C LEU C 82 26.80 -20.49 -5.43
N THR C 83 27.15 -20.44 -4.15
CA THR C 83 28.34 -19.70 -3.73
C THR C 83 29.61 -20.45 -4.11
N PRO C 84 30.76 -19.74 -4.24
CA PRO C 84 32.03 -20.40 -4.43
C PRO C 84 32.33 -21.55 -3.45
N ASN C 85 31.88 -21.41 -2.20
CA ASN C 85 32.05 -22.44 -1.19
CA ASN C 85 32.03 -22.45 -1.17
C ASN C 85 31.26 -23.71 -1.50
N GLU C 86 29.98 -23.54 -1.86
CA GLU C 86 29.08 -24.66 -2.16
C GLU C 86 29.50 -25.41 -3.42
N MET C 87 29.79 -24.69 -4.50
CA MET C 87 30.37 -25.25 -5.73
C MET C 87 31.56 -26.15 -5.41
N THR C 88 32.47 -25.62 -4.60
CA THR C 88 33.71 -26.28 -4.25
C THR C 88 33.42 -27.56 -3.50
N ASN C 89 32.62 -27.48 -2.45
CA ASN C 89 32.30 -28.64 -1.64
C ASN C 89 31.59 -29.74 -2.42
N GLN C 90 30.72 -29.33 -3.34
CA GLN C 90 29.96 -30.23 -4.19
C GLN C 90 30.85 -30.98 -5.19
N MET C 91 31.66 -30.24 -5.94
CA MET C 91 32.60 -30.83 -6.88
C MET C 91 33.64 -31.73 -6.20
N ARG C 92 34.15 -31.31 -5.05
CA ARG C 92 35.10 -32.11 -4.26
C ARG C 92 34.52 -33.47 -3.85
N SER C 93 33.23 -33.48 -3.51
CA SER C 93 32.54 -34.69 -3.05
C SER C 93 32.28 -35.75 -4.11
N ILE C 94 32.22 -35.36 -5.37
CA ILE C 94 32.12 -36.34 -6.46
C ILE C 94 33.42 -36.43 -7.28
N ASP C 95 34.51 -35.94 -6.68
CA ASP C 95 35.87 -36.11 -7.19
C ASP C 95 36.14 -35.49 -8.55
N VAL C 96 35.57 -34.31 -8.81
CA VAL C 96 35.96 -33.58 -10.02
C VAL C 96 37.03 -32.54 -9.71
N GLN C 97 37.89 -32.29 -10.69
CA GLN C 97 38.99 -31.34 -10.53
CA GLN C 97 39.02 -31.37 -10.54
C GLN C 97 39.09 -30.43 -11.75
N LEU C 98 38.45 -30.83 -12.85
CA LEU C 98 38.42 -30.04 -14.07
C LEU C 98 37.00 -29.57 -14.42
N ILE C 99 36.86 -28.28 -14.69
CA ILE C 99 35.58 -27.66 -15.07
C ILE C 99 35.66 -26.96 -16.43
N PHE C 100 34.82 -27.39 -17.38
CA PHE C 100 34.65 -26.68 -18.65
C PHE C 100 33.56 -25.61 -18.49
N CYS C 101 33.82 -24.41 -19.02
CA CYS C 101 32.90 -23.28 -18.87
CA CYS C 101 32.85 -23.33 -18.88
C CYS C 101 32.54 -22.62 -20.19
N THR C 102 31.29 -22.18 -20.32
CA THR C 102 30.87 -21.35 -21.44
C THR C 102 30.64 -19.93 -20.93
N LEU C 103 30.75 -19.75 -19.62
CA LEU C 103 30.75 -18.41 -19.02
C LEU C 103 31.76 -18.28 -17.87
N PRO C 104 32.51 -17.14 -17.83
CA PRO C 104 33.53 -16.76 -16.83
C PRO C 104 33.39 -17.30 -15.40
N LEU C 105 34.34 -18.14 -15.01
CA LEU C 105 34.39 -18.67 -13.65
C LEU C 105 35.81 -18.66 -13.09
N GLU C 106 35.94 -18.19 -11.85
CA GLU C 106 37.17 -18.27 -11.11
C GLU C 106 36.89 -19.05 -9.84
N LEU C 107 37.64 -20.13 -9.63
CA LEU C 107 37.44 -20.98 -8.44
C LEU C 107 38.75 -21.69 -8.08
N ARG C 108 39.23 -21.45 -6.86
CA ARG C 108 40.51 -21.97 -6.38
C ARG C 108 40.50 -23.48 -6.17
N GLY C 109 41.52 -24.15 -6.69
CA GLY C 109 41.71 -25.58 -6.46
C GLY C 109 41.11 -26.44 -7.56
N PHE C 110 40.77 -25.80 -8.67
CA PHE C 110 40.14 -26.46 -9.80
C PHE C 110 40.76 -25.95 -11.09
N GLN C 111 41.04 -26.86 -12.01
CA GLN C 111 41.47 -26.48 -13.35
C GLN C 111 40.24 -26.08 -14.14
N ILE C 112 40.26 -24.84 -14.62
CA ILE C 112 39.14 -24.27 -15.32
C ILE C 112 39.55 -23.96 -16.76
N VAL C 113 38.86 -24.60 -17.70
CA VAL C 113 39.07 -24.33 -19.11
C VAL C 113 37.77 -23.77 -19.68
N SER C 114 37.87 -22.64 -20.40
CA SER C 114 36.72 -22.13 -21.13
C SER C 114 36.69 -22.73 -22.53
N LEU C 115 35.48 -22.83 -23.08
CA LEU C 115 35.24 -23.34 -24.43
C LEU C 115 35.96 -22.50 -25.48
N ASP C 116 36.19 -21.24 -25.11
CA ASP C 116 36.91 -20.26 -25.92
C ASP C 116 38.38 -20.62 -26.10
N ASP C 117 38.92 -21.37 -25.13
CA ASP C 117 40.34 -21.76 -25.13
C ASP C 117 40.61 -23.11 -25.80
N ILE C 118 39.58 -23.97 -25.82
CA ILE C 118 39.69 -25.31 -26.37
C ILE C 118 39.85 -25.29 -27.90
N GLU C 119 39.08 -24.42 -28.57
CA GLU C 119 39.10 -24.34 -30.03
C GLU C 119 39.98 -23.19 -30.54
N LEU C 156 36.44 -39.95 -33.72
CA LEU C 156 37.06 -40.40 -32.48
C LEU C 156 36.60 -41.82 -32.09
N ASN C 157 37.30 -42.41 -31.12
CA ASN C 157 37.06 -43.81 -30.76
C ASN C 157 36.42 -44.01 -29.38
N THR C 158 35.09 -43.91 -29.35
CA THR C 158 34.27 -44.06 -28.13
C THR C 158 32.97 -44.79 -28.47
N SER C 159 32.34 -45.39 -27.47
CA SER C 159 31.13 -46.19 -27.69
C SER C 159 29.98 -45.77 -26.76
N PHE C 160 28.76 -45.92 -27.24
CA PHE C 160 27.57 -45.57 -26.46
C PHE C 160 27.00 -46.74 -25.69
N ASN C 161 26.83 -46.53 -24.38
CA ASN C 161 26.30 -47.56 -23.50
C ASN C 161 25.27 -46.95 -22.55
N LEU C 162 24.11 -47.57 -22.47
CA LEU C 162 22.98 -47.04 -21.70
C LEU C 162 23.20 -47.01 -20.19
N ASP C 163 24.15 -47.82 -19.72
CA ASP C 163 24.35 -48.04 -18.29
C ASP C 163 25.33 -47.12 -17.62
N ASP C 164 26.04 -46.31 -18.40
CA ASP C 164 26.97 -45.40 -17.75
C ASP C 164 26.39 -44.01 -17.53
N ILE C 165 26.97 -43.31 -16.56
CA ILE C 165 26.45 -42.04 -16.05
C ILE C 165 26.57 -40.95 -17.12
N ALA C 166 25.43 -40.32 -17.41
CA ALA C 166 25.36 -39.21 -18.35
C ALA C 166 25.69 -37.91 -17.63
N SER C 167 25.05 -37.75 -16.48
CA SER C 167 25.06 -36.50 -15.75
C SER C 167 24.90 -36.75 -14.27
N ILE C 168 25.50 -35.87 -13.47
CA ILE C 168 25.36 -35.86 -12.02
C ILE C 168 24.76 -34.51 -11.62
N MET C 169 23.66 -34.56 -10.88
CA MET C 169 22.95 -33.37 -10.41
C MET C 169 22.80 -33.36 -8.91
N PHE C 170 22.86 -32.18 -8.32
CA PHE C 170 22.73 -32.05 -6.89
C PHE C 170 21.32 -31.60 -6.48
N THR C 171 20.85 -32.16 -5.37
CA THR C 171 19.63 -31.68 -4.74
C THR C 171 19.91 -30.32 -4.11
N SER C 172 18.85 -29.58 -3.76
CA SER C 172 19.01 -28.23 -3.17
C SER C 172 19.63 -28.25 -1.76
N GLY C 173 19.49 -29.37 -1.06
CA GLY C 173 20.04 -29.56 0.27
C GLY C 173 19.48 -28.59 1.31
N THR C 174 18.17 -28.43 1.29
CA THR C 174 17.48 -27.57 2.25
C THR C 174 17.20 -28.35 3.53
N THR C 175 16.86 -29.63 3.39
CA THR C 175 16.51 -30.49 4.52
C THR C 175 17.77 -30.94 5.26
N GLY C 176 18.70 -31.54 4.51
CA GLY C 176 19.96 -32.01 5.07
C GLY C 176 21.12 -31.60 4.18
N PRO C 177 21.89 -32.59 3.69
CA PRO C 177 23.02 -32.30 2.80
C PRO C 177 22.60 -32.16 1.34
N GLN C 178 23.49 -31.59 0.53
CA GLN C 178 23.30 -31.55 -0.93
C GLN C 178 23.74 -32.88 -1.54
N LYS C 179 22.75 -33.70 -1.89
CA LYS C 179 22.94 -35.05 -2.41
C LYS C 179 23.27 -35.12 -3.90
N ALA C 180 24.22 -36.00 -4.26
CA ALA C 180 24.64 -36.18 -5.64
C ALA C 180 23.87 -37.32 -6.29
N VAL C 181 23.20 -37.01 -7.40
CA VAL C 181 22.31 -37.95 -8.08
C VAL C 181 22.93 -38.29 -9.43
N PRO C 182 23.35 -39.56 -9.61
CA PRO C 182 23.79 -40.00 -10.91
C PRO C 182 22.63 -40.36 -11.82
N GLN C 183 22.68 -39.87 -13.05
CA GLN C 183 21.64 -40.15 -14.00
C GLN C 183 22.27 -40.82 -15.21
N THR C 184 21.94 -42.08 -15.39
CA THR C 184 22.49 -42.86 -16.50
C THR C 184 21.64 -42.54 -17.72
N PHE C 185 22.20 -42.76 -18.91
CA PHE C 185 21.46 -42.63 -20.17
C PHE C 185 20.17 -43.47 -20.21
N ARG C 186 20.17 -44.56 -19.44
CA ARG C 186 19.04 -45.46 -19.28
C ARG C 186 17.93 -44.78 -18.46
N ASN C 187 18.31 -44.21 -17.31
CA ASN C 187 17.45 -43.34 -16.51
C ASN C 187 16.77 -42.27 -17.39
N HIS C 188 17.56 -41.56 -18.18
CA HIS C 188 17.08 -40.50 -19.06
C HIS C 188 16.20 -41.03 -20.20
N TYR C 189 16.54 -42.21 -20.70
CA TYR C 189 15.79 -42.84 -21.78
C TYR C 189 14.40 -43.34 -21.31
N ALA C 190 14.36 -44.02 -20.17
CA ALA C 190 13.10 -44.50 -19.59
C ALA C 190 12.16 -43.34 -19.34
N SER C 191 12.73 -42.24 -18.86
CA SER C 191 12.01 -40.99 -18.62
C SER C 191 11.45 -40.33 -19.90
N ALA C 192 12.20 -40.37 -21.00
CA ALA C 192 11.73 -39.72 -22.23
C ALA C 192 10.60 -40.50 -22.88
N ILE C 193 10.72 -41.83 -22.90
CA ILE C 193 9.71 -42.72 -23.46
C ILE C 193 8.41 -42.78 -22.64
N GLY C 194 8.53 -42.61 -21.33
CA GLY C 194 7.36 -42.52 -20.45
C GLY C 194 6.64 -41.20 -20.63
N CYS C 195 7.42 -40.15 -20.91
CA CYS C 195 6.88 -38.82 -21.24
C CYS C 195 6.28 -38.74 -22.65
N LYS C 196 6.84 -39.49 -23.60
CA LYS C 196 6.29 -39.56 -24.96
C LYS C 196 4.91 -40.19 -24.94
N GLU C 197 4.72 -41.11 -24.01
CA GLU C 197 3.44 -41.74 -23.80
C GLU C 197 2.51 -40.75 -23.11
N SER C 198 2.89 -40.27 -21.94
CA SER C 198 1.98 -39.55 -21.06
C SER C 198 1.72 -38.08 -21.45
N LEU C 199 2.74 -37.41 -22.00
CA LEU C 199 2.58 -36.05 -22.51
C LEU C 199 2.44 -36.04 -24.03
N GLY C 200 3.45 -36.54 -24.73
CA GLY C 200 3.36 -36.63 -26.18
C GLY C 200 4.22 -35.62 -26.90
N PHE C 201 5.07 -36.12 -27.78
CA PHE C 201 5.91 -35.30 -28.66
C PHE C 201 6.34 -36.19 -29.83
N ASP C 202 6.85 -35.57 -30.88
CA ASP C 202 7.32 -36.32 -32.03
CA ASP C 202 7.20 -36.21 -32.13
C ASP C 202 8.50 -35.60 -32.66
N ARG C 203 8.81 -35.91 -33.92
CA ARG C 203 9.96 -35.32 -34.61
C ARG C 203 9.69 -33.87 -35.01
N ASP C 204 8.39 -33.52 -35.06
CA ASP C 204 7.95 -32.20 -35.51
C ASP C 204 7.80 -31.20 -34.37
N THR C 205 7.99 -31.70 -33.15
CA THR C 205 8.00 -30.91 -31.93
C THR C 205 9.06 -29.80 -31.97
N ASN C 206 8.63 -28.58 -31.62
CA ASN C 206 9.50 -27.44 -31.41
C ASN C 206 9.32 -27.03 -29.95
N TRP C 207 10.29 -27.40 -29.12
CA TRP C 207 10.21 -27.24 -27.66
C TRP C 207 11.04 -26.05 -27.23
N LEU C 208 10.37 -25.02 -26.70
CA LEU C 208 11.03 -23.84 -26.10
C LEU C 208 11.49 -24.17 -24.68
N SER C 209 12.79 -24.03 -24.44
CA SER C 209 13.37 -24.35 -23.13
C SER C 209 14.08 -23.15 -22.49
N VAL C 210 13.52 -22.68 -21.37
CA VAL C 210 13.99 -21.47 -20.70
C VAL C 210 14.42 -21.75 -19.26
N LEU C 211 13.90 -22.83 -18.69
CA LEU C 211 14.32 -23.32 -17.38
C LEU C 211 15.82 -23.62 -17.40
N PRO C 212 16.49 -23.52 -16.24
CA PRO C 212 17.94 -23.81 -16.18
C PRO C 212 18.35 -25.15 -16.79
N ILE C 213 19.37 -25.08 -17.64
CA ILE C 213 20.04 -26.24 -18.21
C ILE C 213 20.68 -27.15 -17.13
N TYR C 214 21.13 -26.56 -16.02
CA TYR C 214 21.77 -27.30 -14.92
C TYR C 214 20.79 -28.07 -14.00
N HIS C 215 19.50 -27.88 -14.22
CA HIS C 215 18.48 -28.60 -13.47
C HIS C 215 17.73 -29.53 -14.41
N ILE C 216 17.01 -30.50 -13.83
CA ILE C 216 16.46 -31.59 -14.64
C ILE C 216 15.41 -31.17 -15.69
N SER C 217 14.60 -30.17 -15.39
CA SER C 217 13.52 -29.72 -16.29
C SER C 217 14.04 -29.11 -17.60
N GLY C 218 15.25 -28.58 -17.56
CA GLY C 218 15.92 -28.06 -18.73
C GLY C 218 16.70 -29.13 -19.47
N LEU C 219 17.43 -29.97 -18.74
CA LEU C 219 18.26 -31.02 -19.38
C LEU C 219 17.44 -32.13 -20.04
N SER C 220 16.38 -32.58 -19.36
CA SER C 220 15.45 -33.57 -19.95
C SER C 220 14.93 -33.17 -21.34
N VAL C 221 14.68 -31.87 -21.55
CA VAL C 221 14.30 -31.35 -22.87
C VAL C 221 15.32 -31.67 -23.96
N LEU C 222 16.60 -31.42 -23.67
CA LEU C 222 17.71 -31.72 -24.58
C LEU C 222 17.84 -33.22 -24.92
N LEU C 223 17.54 -34.06 -23.93
CA LEU C 223 17.60 -35.51 -24.10
C LEU C 223 16.43 -36.02 -24.93
N ARG C 224 15.21 -35.68 -24.52
CA ARG C 224 14.02 -35.97 -25.33
C ARG C 224 14.24 -35.55 -26.79
N ALA C 225 14.79 -34.34 -26.99
CA ALA C 225 15.08 -33.83 -28.32
C ALA C 225 15.92 -34.77 -29.11
N VAL C 226 17.05 -35.21 -28.53
CA VAL C 226 17.99 -36.06 -29.26
C VAL C 226 17.52 -37.52 -29.39
N ILE C 227 16.71 -37.98 -28.43
CA ILE C 227 16.17 -39.34 -28.46
C ILE C 227 15.10 -39.41 -29.55
N GLU C 228 14.24 -38.39 -29.60
CA GLU C 228 13.12 -38.39 -30.53
C GLU C 228 13.45 -37.75 -31.88
N GLY C 229 14.42 -36.84 -31.90
CA GLY C 229 14.82 -36.19 -33.14
C GLY C 229 14.17 -34.83 -33.40
N PHE C 230 13.72 -34.15 -32.34
CA PHE C 230 13.06 -32.85 -32.53
C PHE C 230 13.92 -31.61 -32.31
N THR C 231 13.29 -30.44 -32.39
CA THR C 231 13.94 -29.14 -32.31
C THR C 231 13.78 -28.53 -30.94
N VAL C 232 14.89 -28.04 -30.37
CA VAL C 232 14.82 -27.20 -29.15
C VAL C 232 15.18 -25.72 -29.38
N ARG C 233 14.24 -24.84 -29.02
CA ARG C 233 14.52 -23.38 -29.02
C ARG C 233 15.01 -22.95 -27.65
N ILE C 234 16.30 -22.69 -27.58
CA ILE C 234 16.94 -22.34 -26.32
C ILE C 234 16.81 -20.83 -26.03
N VAL C 235 16.37 -20.53 -24.80
CA VAL C 235 16.21 -19.15 -24.34
C VAL C 235 17.06 -18.95 -23.10
N ASP C 236 17.87 -17.90 -23.10
CA ASP C 236 18.79 -17.59 -21.98
C ASP C 236 18.12 -17.28 -20.64
N LYS C 237 17.19 -16.31 -20.61
CA LYS C 237 16.45 -16.00 -19.39
CA LYS C 237 16.46 -15.97 -19.39
C LYS C 237 14.98 -15.71 -19.66
N PHE C 238 14.16 -15.86 -18.61
CA PHE C 238 12.72 -15.62 -18.73
C PHE C 238 12.42 -14.14 -18.90
N ASN C 239 11.84 -13.81 -20.04
CA ASN C 239 11.22 -12.52 -20.29
C ASN C 239 9.86 -12.81 -20.90
N ALA C 240 8.81 -12.36 -20.24
CA ALA C 240 7.46 -12.75 -20.61
C ALA C 240 6.99 -12.14 -21.93
N GLU C 241 7.52 -10.98 -22.28
CA GLU C 241 7.14 -10.34 -23.53
C GLU C 241 7.79 -11.03 -24.71
N GLN C 242 9.09 -11.24 -24.61
CA GLN C 242 9.88 -11.87 -25.69
C GLN C 242 9.47 -13.31 -25.96
N ILE C 243 9.13 -14.04 -24.90
CA ILE C 243 8.64 -15.42 -25.03
C ILE C 243 7.26 -15.53 -25.69
N LEU C 244 6.38 -14.56 -25.44
CA LEU C 244 5.08 -14.50 -26.14
C LEU C 244 5.30 -14.28 -27.63
N THR C 245 6.22 -13.39 -27.98
CA THR C 245 6.58 -13.15 -29.37
C THR C 245 7.08 -14.44 -30.02
N MET C 246 7.94 -15.20 -29.33
CA MET C 246 8.42 -16.51 -29.81
C MET C 246 7.25 -17.47 -30.11
N ILE C 247 6.32 -17.62 -29.16
CA ILE C 247 5.13 -18.45 -29.34
C ILE C 247 4.31 -18.03 -30.57
N LYS C 248 4.12 -16.71 -30.73
CA LYS C 248 3.40 -16.15 -31.86
C LYS C 248 4.12 -16.33 -33.20
N ASN C 249 5.44 -16.11 -33.24
CA ASN C 249 6.20 -16.07 -34.49
C ASN C 249 6.97 -17.33 -34.90
N GLU C 250 7.54 -18.03 -33.92
CA GLU C 250 8.52 -19.09 -34.20
C GLU C 250 7.95 -20.51 -34.21
N ARG C 251 6.62 -20.61 -34.21
CA ARG C 251 5.89 -21.89 -34.37
C ARG C 251 6.18 -22.94 -33.27
N ILE C 252 6.33 -22.43 -32.05
CA ILE C 252 6.57 -23.23 -30.84
C ILE C 252 5.40 -24.18 -30.55
N THR C 253 5.72 -25.46 -30.32
CA THR C 253 4.71 -26.48 -30.05
C THR C 253 4.68 -26.87 -28.57
N HIS C 254 5.84 -26.85 -27.94
CA HIS C 254 6.00 -27.29 -26.56
C HIS C 254 6.74 -26.27 -25.75
N ILE C 255 6.40 -26.21 -24.46
CA ILE C 255 7.04 -25.32 -23.51
C ILE C 255 6.98 -25.91 -22.09
N SER C 256 8.09 -25.76 -21.38
CA SER C 256 8.17 -26.13 -19.97
C SER C 256 8.25 -24.87 -19.13
N LEU C 257 7.30 -24.70 -18.21
CA LEU C 257 7.18 -23.50 -17.38
C LEU C 257 6.83 -23.84 -15.94
N VAL C 258 6.85 -22.84 -15.06
CA VAL C 258 6.25 -22.96 -13.74
C VAL C 258 4.95 -22.15 -13.79
N PRO C 259 3.97 -22.48 -12.93
CA PRO C 259 2.72 -21.71 -12.81
C PRO C 259 2.88 -20.18 -12.83
N GLN C 260 3.86 -19.65 -12.08
CA GLN C 260 4.12 -18.21 -12.03
C GLN C 260 4.44 -17.64 -13.41
N THR C 261 5.31 -18.32 -14.15
CA THR C 261 5.69 -17.88 -15.48
C THR C 261 4.57 -18.02 -16.53
N LEU C 262 3.73 -19.04 -16.41
CA LEU C 262 2.51 -19.17 -17.23
C LEU C 262 1.55 -17.99 -16.99
N ASN C 263 1.24 -17.76 -15.72
CA ASN C 263 0.45 -16.61 -15.30
C ASN C 263 0.97 -15.26 -15.83
N TRP C 264 2.28 -15.05 -15.84
CA TRP C 264 2.88 -13.84 -16.40
C TRP C 264 2.78 -13.77 -17.93
N LEU C 265 2.79 -14.93 -18.58
CA LEU C 265 2.59 -15.02 -20.02
C LEU C 265 1.15 -14.68 -20.46
N MET C 266 0.16 -15.18 -19.72
CA MET C 266 -1.24 -14.86 -19.99
C MET C 266 -1.52 -13.38 -19.83
N GLN C 267 -0.89 -12.74 -18.83
CA GLN C 267 -1.00 -11.30 -18.61
C GLN C 267 -0.44 -10.49 -19.77
N GLN C 268 0.60 -11.00 -20.42
CA GLN C 268 1.19 -10.36 -21.60
C GLN C 268 0.30 -10.48 -22.84
N GLY C 269 -0.68 -11.36 -22.80
CA GLY C 269 -1.52 -11.61 -23.98
C GLY C 269 -1.41 -12.98 -24.64
N LEU C 270 -0.97 -13.99 -23.88
CA LEU C 270 -1.10 -15.39 -24.32
C LEU C 270 -2.54 -15.81 -24.05
N HIS C 271 -3.41 -15.54 -25.02
CA HIS C 271 -4.86 -15.69 -24.83
C HIS C 271 -5.44 -16.78 -25.73
N GLU C 272 -4.58 -17.37 -26.55
CA GLU C 272 -4.97 -18.42 -27.49
C GLU C 272 -3.75 -19.35 -27.71
N PRO C 273 -3.99 -20.63 -28.08
CA PRO C 273 -2.94 -21.64 -28.31
C PRO C 273 -1.76 -21.24 -29.19
N TYR C 274 -2.03 -20.51 -30.27
CA TYR C 274 -1.08 -20.33 -31.40
C TYR C 274 -0.73 -21.70 -31.99
N ASN C 275 0.55 -22.10 -32.02
CA ASN C 275 0.89 -23.48 -32.42
C ASN C 275 1.18 -24.44 -31.24
N LEU C 276 0.87 -24.03 -30.02
CA LEU C 276 1.14 -24.88 -28.86
C LEU C 276 0.26 -26.11 -28.80
N GLN C 277 0.90 -27.25 -28.60
CA GLN C 277 0.21 -28.50 -28.37
C GLN C 277 0.31 -28.93 -26.91
N LYS C 278 1.42 -28.57 -26.26
CA LYS C 278 1.68 -28.94 -24.84
C LYS C 278 2.36 -27.82 -24.03
N ILE C 279 1.75 -27.44 -22.92
CA ILE C 279 2.38 -26.55 -21.93
C ILE C 279 2.61 -27.37 -20.67
N LEU C 280 3.87 -27.74 -20.47
CA LEU C 280 4.24 -28.56 -19.34
C LEU C 280 4.64 -27.70 -18.12
N LEU C 281 3.96 -27.95 -17.00
CA LEU C 281 4.18 -27.22 -15.75
C LEU C 281 4.63 -28.18 -14.67
N GLY C 282 5.41 -27.67 -13.72
CA GLY C 282 5.80 -28.45 -12.56
C GLY C 282 6.48 -27.58 -11.52
N GLY C 283 6.64 -28.12 -10.31
CA GLY C 283 7.48 -27.48 -9.30
C GLY C 283 6.75 -26.65 -8.26
N ALA C 284 5.58 -26.14 -8.61
CA ALA C 284 4.81 -25.29 -7.72
C ALA C 284 3.34 -25.67 -7.74
N LYS C 285 2.61 -25.23 -6.71
CA LYS C 285 1.17 -25.45 -6.60
C LYS C 285 0.42 -24.71 -7.71
N LEU C 286 -0.62 -25.37 -8.23
CA LEU C 286 -1.34 -24.88 -9.38
C LEU C 286 -2.78 -24.60 -8.97
N SER C 287 -3.17 -23.32 -9.04
CA SER C 287 -4.47 -22.89 -8.58
C SER C 287 -5.55 -23.24 -9.58
N ALA C 288 -6.73 -23.57 -9.04
CA ALA C 288 -7.94 -23.86 -9.81
C ALA C 288 -8.34 -22.72 -10.73
N THR C 289 -8.06 -21.49 -10.28
CA THR C 289 -8.38 -20.28 -11.05
C THR C 289 -7.49 -20.14 -12.28
N MET C 290 -6.20 -20.46 -12.16
CA MET C 290 -5.27 -20.38 -13.29
C MET C 290 -5.62 -21.44 -14.32
N ILE C 291 -5.98 -22.63 -13.84
CA ILE C 291 -6.43 -23.73 -14.70
C ILE C 291 -7.61 -23.30 -15.57
N GLU C 292 -8.69 -22.82 -14.94
CA GLU C 292 -9.89 -22.34 -15.65
C GLU C 292 -9.61 -21.19 -16.61
N THR C 293 -8.68 -20.32 -16.23
CA THR C 293 -8.26 -19.22 -17.08
C THR C 293 -7.53 -19.77 -18.31
N ALA C 294 -6.65 -20.75 -18.08
CA ALA C 294 -5.88 -21.36 -19.16
C ALA C 294 -6.79 -22.17 -20.07
N LEU C 295 -7.64 -22.99 -19.46
CA LEU C 295 -8.61 -23.83 -20.20
C LEU C 295 -9.62 -23.05 -21.05
N GLN C 296 -10.09 -21.90 -20.58
CA GLN C 296 -11.01 -21.07 -21.38
C GLN C 296 -10.32 -20.28 -22.49
N TYR C 297 -8.99 -20.19 -22.41
CA TYR C 297 -8.19 -19.67 -23.50
C TYR C 297 -7.72 -20.80 -24.43
N ASN C 298 -8.22 -22.01 -24.16
CA ASN C 298 -7.84 -23.25 -24.86
C ASN C 298 -6.34 -23.55 -24.82
N LEU C 299 -5.71 -23.21 -23.71
CA LEU C 299 -4.29 -23.47 -23.53
C LEU C 299 -4.12 -24.90 -23.02
N PRO C 300 -3.29 -25.69 -23.73
CA PRO C 300 -3.13 -27.12 -23.45
C PRO C 300 -2.22 -27.35 -22.25
N ILE C 301 -2.75 -27.10 -21.06
CA ILE C 301 -1.94 -27.12 -19.87
C ILE C 301 -1.84 -28.49 -19.24
N TYR C 302 -0.62 -28.89 -18.95
CA TYR C 302 -0.35 -30.15 -18.28
C TYR C 302 0.41 -29.89 -17.00
N ASN C 303 -0.06 -30.46 -15.89
CA ASN C 303 0.69 -30.42 -14.64
C ASN C 303 1.49 -31.70 -14.46
N SER C 304 2.53 -31.65 -13.64
CA SER C 304 3.41 -32.81 -13.48
C SER C 304 4.09 -32.83 -12.12
N PHE C 305 4.63 -33.98 -11.75
CA PHE C 305 5.49 -34.08 -10.60
C PHE C 305 6.69 -34.95 -10.89
N GLY C 306 7.87 -34.45 -10.55
CA GLY C 306 9.10 -35.22 -10.67
C GLY C 306 10.21 -34.62 -9.85
N MET C 307 11.30 -35.38 -9.72
CA MET C 307 12.46 -34.88 -9.02
C MET C 307 13.75 -35.22 -9.76
N THR C 308 14.84 -34.65 -9.28
CA THR C 308 16.20 -34.92 -9.76
C THR C 308 16.46 -36.44 -9.81
N GLU C 309 16.05 -37.13 -8.74
CA GLU C 309 16.22 -38.57 -8.53
C GLU C 309 15.42 -39.44 -9.49
N THR C 310 14.34 -38.89 -10.07
CA THR C 310 13.52 -39.65 -11.02
C THR C 310 13.69 -39.14 -12.44
N CYS C 311 14.71 -38.29 -12.64
CA CYS C 311 15.10 -37.74 -13.95
C CYS C 311 14.01 -36.99 -14.72
N SER C 312 13.24 -36.20 -13.93
CA SER C 312 12.03 -35.46 -14.34
CA SER C 312 12.04 -35.43 -14.33
C SER C 312 10.73 -36.15 -13.89
N GLN C 313 9.62 -35.77 -14.50
CA GLN C 313 8.30 -36.22 -14.05
C GLN C 313 7.98 -37.70 -14.24
N PHE C 314 7.29 -38.25 -13.26
CA PHE C 314 6.75 -39.59 -13.36
C PHE C 314 5.22 -39.56 -13.19
N LEU C 315 4.70 -38.40 -12.80
CA LEU C 315 3.26 -38.12 -12.74
C LEU C 315 2.92 -36.98 -13.71
N THR C 316 1.81 -37.10 -14.44
CA THR C 316 1.38 -36.09 -15.42
C THR C 316 -0.14 -35.97 -15.45
N ALA C 317 -0.64 -34.74 -15.39
CA ALA C 317 -2.07 -34.45 -15.48
C ALA C 317 -2.36 -33.74 -16.79
N THR C 318 -3.36 -34.23 -17.53
CA THR C 318 -3.79 -33.65 -18.81
C THR C 318 -4.78 -32.52 -18.53
N PRO C 319 -5.05 -31.62 -19.51
CA PRO C 319 -6.07 -30.57 -19.35
C PRO C 319 -7.41 -31.08 -18.82
N GLU C 320 -7.81 -32.28 -19.26
CA GLU C 320 -9.03 -32.94 -18.85
CA GLU C 320 -9.06 -32.85 -18.79
C GLU C 320 -8.97 -33.36 -17.37
N MET C 321 -7.80 -33.85 -16.95
CA MET C 321 -7.58 -34.27 -15.57
C MET C 321 -7.61 -33.05 -14.63
N LEU C 322 -7.00 -31.96 -15.09
CA LEU C 322 -6.95 -30.70 -14.34
C LEU C 322 -8.31 -30.03 -14.26
N HIS C 323 -9.15 -30.25 -15.28
CA HIS C 323 -10.56 -29.87 -15.24
C HIS C 323 -11.32 -30.66 -14.17
N ALA C 324 -11.18 -31.99 -14.18
CA ALA C 324 -11.87 -32.86 -13.22
C ALA C 324 -11.38 -32.69 -11.77
N ARG C 325 -10.06 -32.70 -11.57
CA ARG C 325 -9.44 -32.42 -10.28
C ARG C 325 -8.41 -31.33 -10.47
N PRO C 326 -8.69 -30.11 -9.97
CA PRO C 326 -7.70 -29.04 -10.07
C PRO C 326 -6.51 -29.20 -9.11
N ASP C 327 -6.68 -30.06 -8.12
CA ASP C 327 -5.67 -30.31 -7.09
CA ASP C 327 -5.65 -30.30 -7.10
C ASP C 327 -4.71 -31.46 -7.47
N THR C 328 -4.97 -32.11 -8.60
CA THR C 328 -4.17 -33.25 -9.01
C THR C 328 -2.84 -32.90 -9.68
N VAL C 329 -1.89 -33.79 -9.48
CA VAL C 329 -0.57 -33.67 -10.06
C VAL C 329 -0.46 -34.73 -11.18
N GLY C 330 -1.43 -35.65 -11.18
CA GLY C 330 -1.66 -36.56 -12.29
C GLY C 330 -1.63 -38.04 -12.00
N MET C 331 -1.46 -38.80 -13.08
CA MET C 331 -1.34 -40.25 -13.01
C MET C 331 0.08 -40.69 -13.38
N PRO C 332 0.54 -41.85 -12.85
CA PRO C 332 1.88 -42.33 -13.21
C PRO C 332 2.00 -42.77 -14.66
N SER C 333 3.21 -42.69 -15.21
CA SER C 333 3.47 -43.17 -16.57
CA SER C 333 3.46 -43.17 -16.57
C SER C 333 3.37 -44.69 -16.61
N ALA C 334 3.30 -45.23 -17.83
CA ALA C 334 3.16 -46.66 -18.06
C ALA C 334 4.32 -47.52 -17.57
N ASN C 335 5.53 -46.94 -17.57
CA ASN C 335 6.77 -47.66 -17.19
C ASN C 335 7.33 -47.30 -15.81
N VAL C 336 6.41 -46.97 -14.90
CA VAL C 336 6.69 -46.51 -13.56
C VAL C 336 5.67 -47.18 -12.65
N ASP C 337 6.10 -47.68 -11.49
CA ASP C 337 5.18 -48.20 -10.47
C ASP C 337 5.17 -47.28 -9.25
N VAL C 338 3.99 -46.75 -8.95
CA VAL C 338 3.80 -45.79 -7.86
C VAL C 338 2.91 -46.43 -6.79
N LYS C 339 3.25 -46.22 -5.53
CA LYS C 339 2.38 -46.64 -4.42
C LYS C 339 2.51 -45.71 -3.22
N ILE C 340 1.58 -45.82 -2.28
CA ILE C 340 1.61 -45.04 -1.04
C ILE C 340 1.99 -45.98 0.11
N LYS C 341 3.06 -45.63 0.81
CA LYS C 341 3.58 -46.43 1.92
C LYS C 341 2.99 -45.92 3.22
N ASN C 342 2.48 -46.86 4.02
CA ASN C 342 1.78 -46.59 5.29
C ASN C 342 0.70 -45.50 5.23
N PRO C 343 -0.45 -45.82 4.61
CA PRO C 343 -1.55 -44.85 4.47
C PRO C 343 -2.35 -44.65 5.75
N ASN C 344 -2.69 -43.39 6.06
CA ASN C 344 -3.54 -43.08 7.22
C ASN C 344 -5.04 -43.29 6.95
N LYS C 345 -5.89 -42.65 7.76
CA LYS C 345 -7.35 -42.68 7.61
C LYS C 345 -7.83 -42.20 6.24
N GLU C 346 -7.25 -41.09 5.77
CA GLU C 346 -7.60 -40.50 4.47
C GLU C 346 -6.81 -41.09 3.31
N GLY C 347 -5.80 -41.90 3.64
CA GLY C 347 -4.95 -42.53 2.62
C GLY C 347 -3.64 -41.80 2.34
N HIS C 348 -3.29 -40.85 3.22
CA HIS C 348 -2.05 -40.08 3.13
C HIS C 348 -0.88 -40.94 3.58
N GLY C 349 0.15 -41.01 2.74
CA GLY C 349 1.35 -41.75 3.09
C GLY C 349 2.52 -41.27 2.26
N GLU C 350 3.68 -41.88 2.45
CA GLU C 350 4.85 -41.50 1.68
C GLU C 350 4.85 -42.11 0.29
N LEU C 351 5.04 -41.25 -0.69
CA LEU C 351 5.00 -41.59 -2.10
C LEU C 351 6.24 -42.39 -2.51
N MET C 352 6.01 -43.58 -3.03
CA MET C 352 7.06 -44.52 -3.43
C MET C 352 7.02 -44.65 -4.94
N ILE C 353 8.20 -44.70 -5.56
CA ILE C 353 8.30 -44.85 -7.00
C ILE C 353 9.41 -45.82 -7.42
N LYS C 354 9.06 -46.72 -8.34
CA LYS C 354 9.96 -47.71 -8.87
C LYS C 354 9.82 -47.72 -10.38
N GLY C 355 10.96 -47.61 -11.06
CA GLY C 355 11.02 -47.71 -12.52
C GLY C 355 12.44 -47.46 -12.99
N ALA C 356 12.71 -47.70 -14.27
CA ALA C 356 14.07 -47.55 -14.81
C ALA C 356 14.56 -46.11 -14.92
N ASN C 357 13.69 -45.15 -14.62
CA ASN C 357 14.05 -43.73 -14.64
C ASN C 357 14.58 -43.24 -13.30
N VAL C 358 14.33 -44.03 -12.26
CA VAL C 358 14.81 -43.78 -10.91
C VAL C 358 16.30 -44.06 -10.84
N MET C 359 17.08 -43.13 -10.28
CA MET C 359 18.54 -43.27 -10.08
C MET C 359 18.96 -44.57 -9.37
N ASN C 360 20.22 -44.96 -9.53
CA ASN C 360 20.72 -46.20 -8.94
C ASN C 360 20.96 -46.08 -7.40
N GLY C 361 21.07 -44.84 -6.94
CA GLY C 361 21.43 -44.53 -5.56
C GLY C 361 22.31 -43.31 -5.64
N TYR C 362 22.36 -42.51 -4.59
CA TYR C 362 23.20 -41.31 -4.57
C TYR C 362 24.67 -41.70 -4.57
N LEU C 363 25.47 -40.89 -5.27
CA LEU C 363 26.92 -41.03 -5.30
C LEU C 363 27.51 -40.58 -3.97
N TYR C 364 26.91 -39.53 -3.41
CA TYR C 364 27.35 -38.86 -2.20
C TYR C 364 26.12 -38.19 -1.59
N PRO C 365 25.94 -38.29 -0.25
CA PRO C 365 26.77 -38.98 0.74
C PRO C 365 26.59 -40.50 0.74
N THR C 366 27.24 -41.14 1.70
CA THR C 366 27.13 -42.57 1.92
C THR C 366 26.34 -42.83 3.21
N ASP C 367 26.32 -41.82 4.09
CA ASP C 367 25.73 -41.87 5.44
C ASP C 367 24.25 -42.28 5.48
N LEU C 368 23.57 -42.05 4.37
CA LEU C 368 22.12 -42.06 4.30
C LEU C 368 21.49 -43.42 4.56
N THR C 369 20.21 -43.39 4.94
CA THR C 369 19.46 -44.59 5.25
C THR C 369 17.97 -44.40 4.90
N GLY C 370 17.34 -45.45 4.39
CA GLY C 370 15.91 -45.44 4.06
C GLY C 370 15.54 -44.76 2.74
N THR C 371 16.44 -44.84 1.76
CA THR C 371 16.19 -44.27 0.43
C THR C 371 15.46 -45.25 -0.50
N PHE C 372 15.77 -46.56 -0.38
CA PHE C 372 15.08 -47.61 -1.14
C PHE C 372 14.43 -48.66 -0.24
N GLU C 373 13.25 -49.13 -0.66
CA GLU C 373 12.52 -50.22 0.00
C GLU C 373 11.91 -51.12 -1.07
N ASN C 374 12.49 -52.31 -1.24
CA ASN C 374 12.06 -53.31 -2.24
C ASN C 374 12.10 -52.81 -3.68
N GLY C 375 13.07 -51.94 -3.95
CA GLY C 375 13.25 -51.38 -5.27
C GLY C 375 12.60 -50.02 -5.45
N TYR C 376 11.74 -49.64 -4.49
CA TYR C 376 11.02 -48.38 -4.57
C TYR C 376 11.83 -47.25 -3.95
N PHE C 377 11.83 -46.08 -4.58
CA PHE C 377 12.50 -44.90 -4.04
C PHE C 377 11.53 -44.12 -3.18
N ASN C 378 11.99 -43.68 -2.00
CA ASN C 378 11.20 -42.85 -1.13
C ASN C 378 11.44 -41.39 -1.46
N THR C 379 10.42 -40.77 -2.08
CA THR C 379 10.46 -39.38 -2.51
C THR C 379 10.55 -38.39 -1.35
N GLY C 380 10.01 -38.79 -0.20
CA GLY C 380 9.99 -37.94 0.99
C GLY C 380 8.84 -36.96 0.94
N ASP C 381 7.85 -37.27 0.11
CA ASP C 381 6.68 -36.43 -0.02
C ASP C 381 5.46 -37.21 0.44
N ILE C 382 4.54 -36.51 1.07
CA ILE C 382 3.29 -37.10 1.53
C ILE C 382 2.28 -36.96 0.40
N ALA C 383 1.64 -38.05 0.04
CA ALA C 383 0.69 -38.07 -1.08
C ALA C 383 -0.51 -38.97 -0.80
N GLU C 384 -1.50 -38.90 -1.67
CA GLU C 384 -2.55 -39.92 -1.72
C GLU C 384 -2.94 -40.24 -3.17
N ILE C 385 -3.45 -41.46 -3.37
CA ILE C 385 -3.99 -41.87 -4.66
C ILE C 385 -5.47 -42.20 -4.46
N ASP C 386 -6.35 -41.40 -5.06
CA ASP C 386 -7.79 -41.69 -5.00
C ASP C 386 -8.15 -42.91 -5.87
N HIS C 387 -9.35 -43.46 -5.68
CA HIS C 387 -9.76 -44.70 -6.36
C HIS C 387 -9.96 -44.55 -7.88
N GLU C 388 -9.94 -43.32 -8.37
CA GLU C 388 -9.97 -43.03 -9.80
C GLU C 388 -8.57 -43.14 -10.42
N GLY C 389 -7.55 -43.01 -9.57
CA GLY C 389 -6.15 -43.14 -9.97
C GLY C 389 -5.34 -41.86 -9.84
N TYR C 390 -5.99 -40.78 -9.45
CA TYR C 390 -5.36 -39.46 -9.36
C TYR C 390 -4.44 -39.34 -8.15
N VAL C 391 -3.28 -38.71 -8.35
CA VAL C 391 -2.33 -38.45 -7.28
C VAL C 391 -2.36 -36.96 -6.87
N MET C 392 -2.55 -36.73 -5.57
CA MET C 392 -2.50 -35.41 -4.95
C MET C 392 -1.38 -35.40 -3.91
N ILE C 393 -0.60 -34.33 -3.88
CA ILE C 393 0.58 -34.26 -3.01
C ILE C 393 0.44 -33.15 -1.95
N TYR C 394 0.77 -33.49 -0.70
CA TYR C 394 0.61 -32.58 0.43
C TYR C 394 1.93 -32.21 1.12
N ASP C 395 1.84 -31.42 2.20
CA ASP C 395 3.00 -31.01 2.99
C ASP C 395 3.08 -31.77 4.31
#